data_3LNL
#
_entry.id   3LNL
#
_cell.length_a   132.547
_cell.length_b   132.547
_cell.length_c   125.670
_cell.angle_alpha   90.00
_cell.angle_beta   90.00
_cell.angle_gamma   120.00
#
_symmetry.space_group_name_H-M   'H 3'
#
loop_
_entity.id
_entity.type
_entity.pdbx_description
1 polymer 'UPF0135 protein SA1388'
2 non-polymer 'ZINC ION'
3 non-polymer 2-[3-(2-HYDROXY-1,1-DIHYDROXYMETHYL-ETHYLAMINO)-PROPYLAMINO]-2-HYDROXYMETHYL-PROPANE-1,3-DIOL
4 water water
#
_entity_poly.entity_id   1
_entity_poly.type   'polypeptide(L)'
_entity_poly.pdbx_seq_one_letter_code
;AMDPMKIADLMTLLDHHVPFSTAESWDNVGLLIGDEDVEVTGVLTALDCTLEVVNEAIEKGYNTIISHHPLIFKGVTSLK
ANGYGLIIRKLIQHDINLIAMHTNLDVNPHGVNMMLAKVMGLKNISIINNQQDVYYKVQTYIPKDNVGPFKDKLSENGLA
QEGNYEYCFFESEGRGQFKPVGEANPTIGQIDKIEDVDEVKIEFMIDAYQKSRAEQLIKQYHPYETPVFDFIEIKQTSLY
GLGVMAEVDNQMTLEDFAADIKSKLNIPSVRFVGESNQKIKRIAIIGGSGIGYEYQAVQQGADVFVTGDIKHHDALDAKI
HGVNLIDINHYSEYVMKEGLKTLLMNWFNIEKINIDVEASTINTDPFQYI
;
_entity_poly.pdbx_strand_id   A,B
#
# COMPACT_ATOMS: atom_id res chain seq x y z
N ASP A 3 -16.80 -42.75 17.44
CA ASP A 3 -16.37 -41.58 18.26
C ASP A 3 -15.75 -42.11 19.54
N PRO A 4 -15.06 -41.26 20.32
CA PRO A 4 -14.86 -39.79 20.30
C PRO A 4 -14.42 -39.17 18.95
N MET A 5 -14.83 -37.92 18.74
CA MET A 5 -14.56 -37.21 17.49
C MET A 5 -13.06 -37.00 17.31
N LYS A 6 -12.55 -37.41 16.14
CA LYS A 6 -11.17 -37.13 15.77
C LYS A 6 -11.13 -35.91 14.88
N ILE A 7 -9.93 -35.37 14.72
CA ILE A 7 -9.68 -34.26 13.79
C ILE A 7 -10.22 -34.58 12.40
N ALA A 8 -10.04 -35.82 11.94
CA ALA A 8 -10.56 -36.25 10.63
C ALA A 8 -12.09 -36.07 10.58
N ASP A 9 -12.79 -36.44 11.64
CA ASP A 9 -14.26 -36.28 11.68
C ASP A 9 -14.65 -34.83 11.73
N LEU A 10 -13.93 -34.01 12.47
CA LEU A 10 -14.21 -32.57 12.53
C LEU A 10 -14.05 -31.98 11.14
N MET A 11 -12.96 -32.34 10.44
CA MET A 11 -12.72 -31.81 9.11
C MET A 11 -13.88 -32.14 8.16
N THR A 12 -14.39 -33.37 8.23
CA THR A 12 -15.54 -33.78 7.41
C THR A 12 -16.79 -32.89 7.65
N LEU A 13 -17.04 -32.62 8.93
CA LEU A 13 -18.19 -31.84 9.34
C LEU A 13 -18.09 -30.41 8.88
N LEU A 14 -16.91 -29.80 9.10
CA LEU A 14 -16.66 -28.43 8.70
C LEU A 14 -16.76 -28.32 7.19
N ASP A 15 -16.23 -29.31 6.50
CA ASP A 15 -16.33 -29.33 5.04
C ASP A 15 -17.79 -29.42 4.56
N HIS A 16 -18.60 -30.15 5.30
CA HIS A 16 -20.00 -30.27 4.95
C HIS A 16 -20.68 -28.89 5.04
N HIS A 17 -20.40 -28.14 6.10
CA HIS A 17 -21.08 -26.89 6.33
C HIS A 17 -20.45 -25.67 5.65
N VAL A 18 -19.13 -25.68 5.51
CA VAL A 18 -18.38 -24.60 4.88
C VAL A 18 -17.32 -25.18 3.93
N PRO A 19 -17.77 -25.67 2.77
CA PRO A 19 -16.91 -26.49 1.94
C PRO A 19 -15.58 -25.84 1.64
N PHE A 20 -14.50 -26.58 1.90
CA PHE A 20 -13.18 -26.06 1.71
C PHE A 20 -12.89 -25.75 0.24
N SER A 21 -13.62 -26.37 -0.67
CA SER A 21 -13.44 -26.13 -2.09
C SER A 21 -14.01 -24.77 -2.56
N THR A 22 -14.82 -24.09 -1.74
CA THR A 22 -15.27 -22.75 -2.05
C THR A 22 -14.19 -21.68 -1.73
N ALA A 23 -13.08 -22.08 -1.14
CA ALA A 23 -11.97 -21.17 -0.89
C ALA A 23 -11.32 -20.80 -2.23
N GLU A 24 -10.67 -19.64 -2.31
CA GLU A 24 -9.94 -19.24 -3.51
C GLU A 24 -8.78 -20.19 -3.77
N SER A 25 -8.40 -20.33 -5.05
CA SER A 25 -7.32 -21.25 -5.41
C SER A 25 -5.98 -20.87 -4.82
N TRP A 26 -5.74 -19.59 -4.61
CA TRP A 26 -4.46 -19.16 -3.98
C TRP A 26 -4.43 -19.40 -2.47
N ASP A 27 -5.56 -19.71 -1.84
CA ASP A 27 -5.66 -19.72 -0.37
C ASP A 27 -5.00 -21.00 0.21
N ASN A 28 -4.85 -21.05 1.51
CA ASN A 28 -4.36 -22.23 2.18
C ASN A 28 -5.31 -22.56 3.33
N VAL A 29 -6.16 -23.55 3.15
CA VAL A 29 -7.24 -23.84 4.12
C VAL A 29 -7.22 -25.32 4.47
N GLY A 30 -7.89 -25.69 5.58
CA GLY A 30 -7.97 -27.04 6.04
C GLY A 30 -7.07 -27.27 7.23
N LEU A 31 -6.67 -28.50 7.42
CA LEU A 31 -5.78 -28.85 8.50
C LEU A 31 -4.38 -28.38 8.14
N LEU A 32 -3.94 -27.29 8.75
CA LEU A 32 -2.61 -26.77 8.44
C LEU A 32 -1.53 -27.39 9.29
N ILE A 33 -1.82 -27.64 10.57
CA ILE A 33 -0.83 -28.16 11.47
C ILE A 33 -1.55 -29.17 12.33
N GLY A 34 -1.10 -30.44 12.33
CA GLY A 34 -1.72 -31.41 13.21
C GLY A 34 -1.70 -32.83 12.70
N ASP A 35 -2.53 -33.66 13.34
CA ASP A 35 -2.60 -35.11 13.12
C ASP A 35 -4.09 -35.49 13.09
N GLU A 36 -4.54 -35.94 11.95
CA GLU A 36 -5.96 -36.15 11.77
C GLU A 36 -6.54 -37.28 12.65
N ASP A 37 -5.66 -38.14 13.17
CA ASP A 37 -6.06 -39.24 14.00
C ASP A 37 -6.30 -38.87 15.47
N VAL A 38 -5.95 -37.65 15.86
CA VAL A 38 -6.04 -37.26 17.27
C VAL A 38 -7.48 -36.89 17.67
N GLU A 39 -7.89 -37.32 18.87
CA GLU A 39 -9.23 -37.04 19.40
C GLU A 39 -9.29 -35.57 19.84
N VAL A 40 -10.34 -34.87 19.42
CA VAL A 40 -10.50 -33.44 19.76
C VAL A 40 -10.92 -33.29 21.23
N THR A 41 -10.18 -32.49 22.00
CA THR A 41 -10.54 -32.31 23.41
C THR A 41 -11.44 -31.08 23.59
N GLY A 42 -11.48 -30.21 22.58
CA GLY A 42 -12.14 -28.93 22.69
C GLY A 42 -11.62 -28.02 21.57
N VAL A 43 -12.45 -27.09 21.16
CA VAL A 43 -12.16 -26.19 20.06
C VAL A 43 -12.19 -24.68 20.45
N LEU A 44 -11.10 -23.97 20.17
CA LEU A 44 -10.97 -22.52 20.35
C LEU A 44 -10.99 -21.86 18.98
N THR A 45 -11.85 -20.87 18.83
CA THR A 45 -11.95 -20.12 17.58
C THR A 45 -11.17 -18.84 17.67
N ALA A 46 -10.57 -18.44 16.53
CA ALA A 46 -9.59 -17.34 16.48
C ALA A 46 -9.64 -16.65 15.13
N LEU A 47 -9.28 -15.36 15.11
CA LEU A 47 -9.09 -14.67 13.87
C LEU A 47 -7.68 -15.00 13.36
N ASP A 48 -6.68 -14.51 14.12
CA ASP A 48 -5.30 -14.83 13.96
C ASP A 48 -4.84 -15.72 15.11
N CYS A 49 -4.15 -16.79 14.74
CA CYS A 49 -3.55 -17.67 15.71
C CYS A 49 -2.21 -17.13 16.17
N THR A 50 -2.23 -16.24 17.17
CA THR A 50 -1.04 -15.67 17.76
C THR A 50 -0.46 -16.59 18.84
N LEU A 51 0.73 -16.29 19.30
CA LEU A 51 1.30 -17.06 20.41
C LEU A 51 0.36 -17.02 21.63
N GLU A 52 -0.19 -15.85 21.97
CA GLU A 52 -1.16 -15.74 23.07
C GLU A 52 -2.39 -16.66 22.88
N VAL A 53 -2.86 -16.83 21.66
CA VAL A 53 -4.01 -17.73 21.41
C VAL A 53 -3.60 -19.19 21.65
N VAL A 54 -2.40 -19.59 21.20
CA VAL A 54 -1.90 -20.94 21.51
C VAL A 54 -1.82 -21.18 23.02
N ASN A 55 -1.31 -20.20 23.78
CA ASN A 55 -1.25 -20.28 25.24
C ASN A 55 -2.64 -20.40 25.89
N GLU A 56 -3.61 -19.70 25.34
CA GLU A 56 -5.00 -19.80 25.77
C GLU A 56 -5.54 -21.22 25.53
N ALA A 57 -5.34 -21.79 24.33
CA ALA A 57 -5.77 -23.18 24.08
C ALA A 57 -5.18 -24.15 25.13
N ILE A 58 -3.87 -24.04 25.35
CA ILE A 58 -3.14 -24.91 26.28
C ILE A 58 -3.73 -24.82 27.68
N GLU A 59 -4.06 -23.60 28.07
CA GLU A 59 -4.52 -23.27 29.39
C GLU A 59 -5.95 -23.79 29.56
N LYS A 60 -6.77 -23.73 28.51
CA LYS A 60 -8.15 -24.27 28.58
C LYS A 60 -8.27 -25.77 28.36
N GLY A 61 -7.16 -26.43 28.12
CA GLY A 61 -7.16 -27.86 27.83
C GLY A 61 -7.67 -28.22 26.44
N TYR A 62 -7.60 -27.28 25.50
CA TYR A 62 -8.10 -27.53 24.13
C TYR A 62 -6.96 -27.84 23.17
N ASN A 63 -7.10 -28.91 22.37
CA ASN A 63 -6.05 -29.30 21.42
C ASN A 63 -6.42 -28.97 19.98
N THR A 64 -7.45 -28.13 19.77
CA THR A 64 -7.85 -27.74 18.45
C THR A 64 -8.18 -26.27 18.42
N ILE A 65 -7.56 -25.59 17.45
CA ILE A 65 -7.83 -24.17 17.16
C ILE A 65 -8.30 -24.06 15.73
N ILE A 66 -9.40 -23.35 15.51
CA ILE A 66 -9.86 -23.00 14.14
C ILE A 66 -9.71 -21.48 14.02
N SER A 67 -8.81 -21.04 13.14
CA SER A 67 -8.62 -19.63 12.85
C SER A 67 -9.22 -19.33 11.47
N HIS A 68 -9.51 -18.06 11.25
CA HIS A 68 -9.90 -17.57 9.95
C HIS A 68 -8.66 -17.44 9.11
N HIS A 69 -7.70 -16.65 9.58
CA HIS A 69 -6.46 -16.39 8.82
C HIS A 69 -5.49 -17.57 8.92
N PRO A 70 -4.94 -18.02 7.77
CA PRO A 70 -4.06 -19.19 7.81
C PRO A 70 -2.70 -18.81 8.38
N LEU A 71 -2.30 -19.48 9.45
CA LEU A 71 -1.04 -19.16 10.07
C LEU A 71 0.11 -19.40 9.07
N ILE A 72 -0.01 -20.44 8.26
CA ILE A 72 0.95 -20.72 7.20
C ILE A 72 0.21 -20.36 5.95
N PHE A 73 0.74 -19.42 5.18
CA PHE A 73 0.04 -18.98 4.01
C PHE A 73 0.92 -19.26 2.82
N LYS A 74 1.99 -18.51 2.66
CA LYS A 74 2.94 -18.94 1.64
C LYS A 74 3.75 -20.03 2.33
N GLY A 75 4.44 -20.86 1.58
CA GLY A 75 5.20 -21.85 2.30
C GLY A 75 6.28 -21.27 3.23
N VAL A 76 6.46 -21.90 4.38
CA VAL A 76 7.44 -21.40 5.33
C VAL A 76 8.71 -22.11 4.97
N THR A 77 9.82 -21.38 4.89
CA THR A 77 11.09 -21.96 4.50
C THR A 77 11.96 -22.32 5.69
N SER A 78 11.58 -21.86 6.87
CA SER A 78 12.21 -22.40 8.08
C SER A 78 11.29 -22.38 9.27
N LEU A 79 11.63 -23.18 10.28
CA LEU A 79 10.86 -23.30 11.53
C LEU A 79 11.79 -23.17 12.71
N LYS A 80 12.11 -21.93 12.97
CA LYS A 80 13.01 -21.57 14.06
C LYS A 80 12.27 -20.99 15.25
N ALA A 81 12.97 -20.89 16.40
CA ALA A 81 12.37 -20.36 17.62
C ALA A 81 12.27 -18.81 17.59
N ASN A 82 11.59 -18.29 16.59
CA ASN A 82 11.57 -16.85 16.32
C ASN A 82 10.35 -16.57 15.48
N GLY A 83 9.70 -15.43 15.71
CA GLY A 83 8.63 -14.99 14.82
C GLY A 83 7.47 -15.98 14.79
N TYR A 84 6.95 -16.19 13.59
CA TYR A 84 5.90 -17.16 13.35
C TYR A 84 6.37 -18.61 13.66
N GLY A 85 7.66 -18.85 13.55
CA GLY A 85 8.25 -20.14 13.88
C GLY A 85 7.89 -20.56 15.28
N LEU A 86 7.84 -19.58 16.18
CA LEU A 86 7.64 -19.84 17.60
C LEU A 86 6.22 -20.35 17.80
N ILE A 87 5.30 -19.79 17.06
CA ILE A 87 3.93 -20.20 17.19
C ILE A 87 3.75 -21.61 16.64
N ILE A 88 4.29 -21.83 15.45
CA ILE A 88 4.14 -23.12 14.77
C ILE A 88 4.79 -24.25 15.60
N ARG A 89 6.00 -23.96 16.12
CA ARG A 89 6.68 -24.92 16.93
C ARG A 89 5.92 -25.18 18.25
N LYS A 90 5.36 -24.12 18.88
CA LYS A 90 4.59 -24.33 20.09
C LYS A 90 3.35 -25.24 19.89
N LEU A 91 2.60 -25.00 18.81
CA LEU A 91 1.51 -25.90 18.42
C LEU A 91 1.96 -27.35 18.38
N ILE A 92 3.00 -27.62 17.59
CA ILE A 92 3.50 -28.95 17.41
C ILE A 92 3.99 -29.56 18.72
N GLN A 93 4.78 -28.84 19.48
CA GLN A 93 5.29 -29.36 20.71
C GLN A 93 4.19 -29.57 21.77
N HIS A 94 3.03 -28.93 21.63
CA HIS A 94 1.93 -29.20 22.57
C HIS A 94 0.84 -30.03 21.96
N ASP A 95 1.09 -30.65 20.81
CA ASP A 95 0.10 -31.47 20.13
C ASP A 95 -1.23 -30.70 19.93
N ILE A 96 -1.15 -29.47 19.47
CA ILE A 96 -2.33 -28.64 19.18
C ILE A 96 -2.50 -28.65 17.67
N ASN A 97 -3.75 -28.90 17.25
CA ASN A 97 -4.15 -28.97 15.86
C ASN A 97 -4.73 -27.62 15.41
N LEU A 98 -4.24 -27.11 14.30
CA LEU A 98 -4.72 -25.86 13.78
C LEU A 98 -5.36 -26.06 12.44
N ILE A 99 -6.60 -25.58 12.36
CA ILE A 99 -7.38 -25.64 11.14
C ILE A 99 -7.68 -24.21 10.72
N ALA A 100 -7.53 -23.94 9.43
CA ALA A 100 -7.83 -22.63 8.87
C ALA A 100 -9.09 -22.72 8.00
N MET A 101 -10.08 -21.90 8.36
CA MET A 101 -11.32 -21.72 7.60
C MET A 101 -11.28 -20.26 7.15
N HIS A 102 -10.61 -20.07 6.01
CA HIS A 102 -10.31 -18.82 5.49
C HIS A 102 -11.33 -18.38 4.42
N THR A 103 -10.94 -18.27 3.15
CA THR A 103 -11.86 -17.67 2.19
C THR A 103 -13.16 -18.47 2.04
N ASN A 104 -13.14 -19.78 2.36
CA ASN A 104 -14.38 -20.56 2.44
C ASN A 104 -15.37 -19.95 3.43
N LEU A 105 -14.90 -19.43 4.56
CA LEU A 105 -15.76 -18.73 5.49
C LEU A 105 -16.15 -17.31 5.00
N ASP A 106 -15.27 -16.65 4.25
CA ASP A 106 -15.59 -15.33 3.71
C ASP A 106 -16.74 -15.42 2.71
N VAL A 107 -16.88 -16.55 1.99
CA VAL A 107 -17.92 -16.64 0.94
C VAL A 107 -19.13 -17.47 1.36
N ASN A 108 -19.14 -17.98 2.59
CA ASN A 108 -20.24 -18.82 3.04
C ASN A 108 -21.49 -17.97 3.36
N PRO A 109 -22.70 -18.49 3.08
CA PRO A 109 -23.93 -17.77 3.44
C PRO A 109 -24.11 -17.50 4.93
N HIS A 110 -23.46 -18.28 5.78
CA HIS A 110 -23.47 -17.99 7.23
C HIS A 110 -22.09 -17.54 7.73
N GLY A 111 -21.25 -17.09 6.82
CA GLY A 111 -19.85 -16.74 7.14
C GLY A 111 -19.59 -15.30 7.57
N VAL A 112 -18.38 -14.83 7.27
CA VAL A 112 -17.87 -13.58 7.83
C VAL A 112 -18.77 -12.41 7.55
N ASN A 113 -19.31 -12.36 6.34
CA ASN A 113 -20.10 -11.18 5.97
C ASN A 113 -21.54 -11.18 6.46
N MET A 114 -22.14 -12.35 6.53
CA MET A 114 -23.38 -12.54 7.28
C MET A 114 -23.18 -12.11 8.72
N MET A 115 -22.07 -12.54 9.30
CA MET A 115 -21.77 -12.23 10.69
C MET A 115 -21.58 -10.76 10.92
N LEU A 116 -20.84 -10.11 10.02
CA LEU A 116 -20.73 -8.66 10.09
C LEU A 116 -22.10 -7.97 9.99
N ALA A 117 -22.90 -8.36 9.01
CA ALA A 117 -24.20 -7.73 8.79
C ALA A 117 -25.09 -7.92 10.00
N LYS A 118 -25.08 -9.11 10.58
CA LYS A 118 -25.87 -9.35 11.80
C LYS A 118 -25.38 -8.53 13.00
N VAL A 119 -24.04 -8.42 13.19
CA VAL A 119 -23.51 -7.61 14.31
C VAL A 119 -23.90 -6.16 14.15
N MET A 120 -24.04 -5.74 12.89
CA MET A 120 -24.56 -4.41 12.56
C MET A 120 -26.08 -4.17 12.68
N GLY A 121 -26.84 -5.23 12.96
CA GLY A 121 -28.26 -5.21 13.07
C GLY A 121 -29.00 -5.09 11.74
N LEU A 122 -28.40 -5.52 10.64
CA LEU A 122 -29.01 -5.32 9.34
C LEU A 122 -30.07 -6.37 8.95
N LYS A 123 -30.84 -6.02 7.92
CA LYS A 123 -32.02 -6.75 7.46
C LYS A 123 -31.82 -7.09 5.97
N ASN A 124 -32.57 -8.09 5.51
CA ASN A 124 -32.60 -8.54 4.11
C ASN A 124 -31.20 -8.80 3.54
N ILE A 125 -30.45 -9.62 4.25
CA ILE A 125 -29.07 -9.85 3.99
C ILE A 125 -28.99 -10.91 2.95
N SER A 126 -28.32 -10.66 1.82
CA SER A 126 -28.09 -11.75 0.83
C SER A 126 -26.67 -11.72 0.30
N ILE A 127 -26.16 -12.91 0.00
CA ILE A 127 -24.86 -13.07 -0.58
C ILE A 127 -24.80 -12.29 -1.90
N ILE A 128 -23.65 -11.65 -2.15
CA ILE A 128 -23.40 -11.05 -3.45
C ILE A 128 -22.11 -11.66 -4.05
N ASN A 129 -21.83 -11.29 -5.31
CA ASN A 129 -20.65 -11.75 -6.03
C ASN A 129 -20.62 -13.29 -6.17
N ASN A 130 -21.78 -13.88 -6.42
CA ASN A 130 -21.95 -15.33 -6.29
C ASN A 130 -21.01 -16.13 -7.19
N GLN A 131 -20.41 -17.19 -6.65
CA GLN A 131 -19.70 -18.19 -7.47
C GLN A 131 -20.67 -18.87 -8.52
N GLN A 132 -20.14 -19.63 -9.47
CA GLN A 132 -20.99 -20.39 -10.42
C GLN A 132 -20.68 -21.84 -10.27
N ASP A 133 -21.70 -22.64 -10.00
CA ASP A 133 -21.53 -24.06 -9.86
C ASP A 133 -21.81 -24.70 -11.20
N VAL A 134 -21.04 -25.74 -11.53
CA VAL A 134 -21.22 -26.52 -12.74
C VAL A 134 -21.87 -27.82 -12.35
N TYR A 135 -22.91 -28.16 -13.12
CA TYR A 135 -23.63 -29.41 -13.01
C TYR A 135 -23.74 -29.96 -14.41
N TYR A 136 -24.21 -31.19 -14.52
CA TYR A 136 -24.49 -31.77 -15.83
C TYR A 136 -25.92 -32.27 -15.82
N LYS A 137 -26.69 -31.86 -16.81
CA LYS A 137 -27.93 -32.54 -17.12
C LYS A 137 -27.60 -33.76 -17.99
N VAL A 138 -27.73 -34.93 -17.39
CA VAL A 138 -27.43 -36.20 -18.05
C VAL A 138 -28.66 -36.59 -18.88
N GLN A 139 -28.49 -36.73 -20.19
CA GLN A 139 -29.58 -37.17 -21.07
C GLN A 139 -29.36 -38.60 -21.51
N LYS A 201 -35.97 -41.41 -23.90
CA LYS A 201 -35.02 -40.34 -23.58
C LYS A 201 -35.23 -39.83 -22.15
N ILE A 202 -34.40 -40.33 -21.23
CA ILE A 202 -34.45 -39.92 -19.82
C ILE A 202 -33.55 -38.70 -19.61
N GLU A 203 -33.81 -37.91 -18.56
CA GLU A 203 -32.87 -36.87 -18.12
C GLU A 203 -32.94 -36.54 -16.62
N PHE A 204 -31.78 -36.19 -16.06
CA PHE A 204 -31.59 -35.99 -14.61
C PHE A 204 -30.24 -35.30 -14.37
N MET A 205 -30.08 -34.77 -13.16
CA MET A 205 -28.91 -33.95 -12.82
C MET A 205 -27.80 -34.73 -12.18
N ILE A 206 -26.63 -34.11 -12.11
CA ILE A 206 -25.46 -34.63 -11.39
C ILE A 206 -24.52 -33.46 -11.08
N ASP A 207 -23.78 -33.57 -9.98
CA ASP A 207 -22.64 -32.67 -9.72
C ASP A 207 -21.55 -32.99 -10.71
N ALA A 208 -20.75 -31.98 -11.04
CA ALA A 208 -19.72 -32.13 -12.08
C ALA A 208 -18.76 -33.27 -11.77
N TYR A 209 -18.54 -33.52 -10.48
CA TYR A 209 -17.64 -34.57 -10.01
C TYR A 209 -18.18 -35.99 -10.27
N GLN A 210 -19.49 -36.12 -10.44
CA GLN A 210 -20.13 -37.43 -10.66
C GLN A 210 -20.06 -37.90 -12.12
N LYS A 211 -19.64 -37.00 -13.01
CA LYS A 211 -19.54 -37.30 -14.45
C LYS A 211 -18.80 -38.61 -14.73
N SER A 212 -17.68 -38.82 -14.06
CA SER A 212 -16.90 -40.06 -14.23
C SER A 212 -17.70 -41.28 -13.78
N ARG A 213 -18.08 -41.33 -12.50
CA ARG A 213 -18.79 -42.49 -11.94
C ARG A 213 -20.06 -42.78 -12.73
N ALA A 214 -20.84 -41.73 -12.96
CA ALA A 214 -22.07 -41.82 -13.74
C ALA A 214 -21.84 -42.54 -15.07
N GLU A 215 -20.78 -42.17 -15.77
CA GLU A 215 -20.42 -42.80 -17.04
C GLU A 215 -19.98 -44.25 -16.87
N GLN A 216 -19.17 -44.53 -15.83
CA GLN A 216 -18.82 -45.92 -15.48
C GLN A 216 -20.10 -46.72 -15.29
N LEU A 217 -21.08 -46.10 -14.62
CA LEU A 217 -22.41 -46.66 -14.43
C LEU A 217 -23.21 -46.70 -15.73
N ILE A 218 -23.36 -45.54 -16.37
CA ILE A 218 -24.13 -45.41 -17.62
C ILE A 218 -23.75 -46.44 -18.68
N LYS A 219 -22.46 -46.50 -19.00
CA LYS A 219 -21.93 -47.39 -20.03
C LYS A 219 -21.94 -48.85 -19.59
N GLN A 220 -22.08 -49.08 -18.28
CA GLN A 220 -22.13 -50.44 -17.76
C GLN A 220 -23.43 -51.15 -18.15
N TYR A 221 -24.59 -50.54 -17.89
CA TYR A 221 -25.84 -51.20 -18.27
C TYR A 221 -26.66 -50.34 -19.20
N HIS A 222 -26.87 -50.82 -20.41
CA HIS A 222 -27.83 -50.22 -21.30
C HIS A 222 -28.13 -51.23 -22.39
N PRO A 223 -29.35 -51.15 -22.95
CA PRO A 223 -29.72 -51.96 -24.09
C PRO A 223 -28.75 -51.79 -25.25
N TYR A 224 -28.30 -50.56 -25.47
CA TYR A 224 -27.47 -50.28 -26.63
C TYR A 224 -26.13 -51.03 -26.55
N GLU A 225 -25.63 -51.46 -27.71
CA GLU A 225 -24.27 -52.00 -27.80
C GLU A 225 -23.38 -50.83 -27.44
N THR A 226 -23.77 -49.68 -27.97
CA THR A 226 -23.27 -48.40 -27.55
C THR A 226 -24.47 -47.64 -27.02
N PRO A 227 -24.63 -47.55 -25.68
CA PRO A 227 -25.71 -46.72 -25.15
C PRO A 227 -25.54 -45.30 -25.64
N VAL A 228 -26.63 -44.57 -25.83
CA VAL A 228 -26.52 -43.17 -26.21
C VAL A 228 -26.82 -42.31 -25.00
N PHE A 229 -25.88 -41.43 -24.69
CA PHE A 229 -26.05 -40.49 -23.58
C PHE A 229 -25.27 -39.20 -23.80
N ASP A 230 -25.75 -38.13 -23.20
CA ASP A 230 -25.11 -36.84 -23.28
C ASP A 230 -24.96 -36.27 -21.89
N PHE A 231 -23.82 -35.64 -21.65
CA PHE A 231 -23.65 -34.79 -20.47
C PHE A 231 -23.70 -33.32 -20.91
N ILE A 232 -24.78 -32.64 -20.60
CA ILE A 232 -24.93 -31.22 -20.95
C ILE A 232 -24.51 -30.33 -19.76
N GLU A 233 -23.40 -29.62 -19.91
CA GLU A 233 -22.90 -28.70 -18.87
C GLU A 233 -23.95 -27.64 -18.60
N ILE A 234 -24.37 -27.52 -17.36
CA ILE A 234 -25.27 -26.46 -16.92
C ILE A 234 -24.54 -25.69 -15.81
N LYS A 235 -24.68 -24.37 -15.85
CA LYS A 235 -24.07 -23.49 -14.87
C LYS A 235 -25.20 -22.86 -14.10
N GLN A 236 -25.08 -22.84 -12.77
CA GLN A 236 -26.04 -22.10 -11.96
C GLN A 236 -25.34 -21.29 -10.89
N THR A 237 -26.01 -20.20 -10.52
CA THR A 237 -25.54 -19.31 -9.50
C THR A 237 -25.40 -20.07 -8.20
N SER A 238 -24.23 -19.96 -7.59
CA SER A 238 -23.91 -20.62 -6.33
C SER A 238 -24.62 -19.91 -5.18
N LEU A 239 -24.73 -20.61 -4.06
CA LEU A 239 -25.16 -19.98 -2.83
C LEU A 239 -23.96 -19.24 -2.23
N TYR A 240 -22.76 -19.48 -2.73
CA TYR A 240 -21.53 -18.99 -2.14
C TYR A 240 -21.11 -17.74 -2.88
N GLY A 241 -20.63 -16.76 -2.12
CA GLY A 241 -19.98 -15.59 -2.74
C GLY A 241 -19.41 -14.60 -1.77
N LEU A 242 -18.52 -13.73 -2.28
CA LEU A 242 -17.77 -12.81 -1.45
C LEU A 242 -18.56 -11.54 -1.21
N GLY A 243 -19.05 -11.40 0.01
CA GLY A 243 -19.77 -10.23 0.41
C GLY A 243 -21.27 -10.50 0.60
N VAL A 244 -21.91 -9.57 1.29
CA VAL A 244 -23.38 -9.55 1.41
C VAL A 244 -23.85 -8.17 1.06
N MET A 245 -25.09 -8.07 0.58
CA MET A 245 -25.85 -6.81 0.53
C MET A 245 -26.90 -6.93 1.62
N ALA A 246 -27.20 -5.81 2.28
CA ALA A 246 -28.13 -5.80 3.36
C ALA A 246 -28.70 -4.39 3.48
N GLU A 247 -29.61 -4.16 4.40
CA GLU A 247 -30.17 -2.86 4.53
C GLU A 247 -30.47 -2.49 5.97
N VAL A 248 -30.39 -1.19 6.29
CA VAL A 248 -30.93 -0.69 7.58
C VAL A 248 -32.43 -0.63 7.54
N ASP A 249 -33.07 -0.60 8.71
CA ASP A 249 -34.51 -0.48 8.81
C ASP A 249 -35.04 0.84 8.27
N ASN A 250 -34.31 1.91 8.55
CA ASN A 250 -34.65 3.23 8.05
C ASN A 250 -33.42 3.94 7.63
N GLN A 251 -33.57 4.65 6.54
CA GLN A 251 -32.53 5.42 6.00
C GLN A 251 -31.78 6.16 7.09
N MET A 252 -30.48 6.23 7.00
CA MET A 252 -29.71 7.05 7.96
C MET A 252 -28.58 7.74 7.24
N THR A 253 -28.05 8.80 7.83
CA THR A 253 -26.93 9.45 7.21
C THR A 253 -25.71 8.53 7.25
N LEU A 254 -24.80 8.75 6.29
CA LEU A 254 -23.54 8.06 6.22
C LEU A 254 -22.76 8.21 7.53
N GLU A 255 -22.62 9.44 8.05
CA GLU A 255 -21.96 9.56 9.35
C GLU A 255 -22.67 8.84 10.49
N ASP A 256 -23.99 8.91 10.56
CA ASP A 256 -24.70 8.20 11.62
C ASP A 256 -24.53 6.65 11.52
N PHE A 257 -24.56 6.13 10.29
CA PHE A 257 -24.37 4.71 10.07
C PHE A 257 -22.96 4.29 10.49
N ALA A 258 -21.97 5.06 10.07
CA ALA A 258 -20.58 4.79 10.45
C ALA A 258 -20.41 4.76 11.97
N ALA A 259 -21.01 5.71 12.67
CA ALA A 259 -20.93 5.71 14.11
C ALA A 259 -21.67 4.59 14.76
N ASP A 260 -22.81 4.27 14.16
CA ASP A 260 -23.58 3.14 14.64
C ASP A 260 -22.74 1.87 14.62
N ILE A 261 -22.11 1.58 13.50
CA ILE A 261 -21.37 0.36 13.37
C ILE A 261 -20.04 0.41 14.18
N LYS A 262 -19.45 1.60 14.33
CA LYS A 262 -18.32 1.76 15.21
C LYS A 262 -18.68 1.24 16.59
N SER A 263 -19.82 1.70 17.08
CA SER A 263 -20.26 1.31 18.40
C SER A 263 -20.63 -0.20 18.47
N LYS A 264 -21.38 -0.72 17.52
CA LYS A 264 -21.78 -2.12 17.56
C LYS A 264 -20.60 -3.08 17.48
N LEU A 265 -19.57 -2.72 16.71
CA LEU A 265 -18.38 -3.59 16.61
C LEU A 265 -17.25 -3.26 17.56
N ASN A 266 -17.48 -2.32 18.48
CA ASN A 266 -16.46 -1.89 19.43
C ASN A 266 -15.17 -1.47 18.74
N ILE A 267 -15.25 -0.62 17.71
CA ILE A 267 -14.07 -0.23 16.92
C ILE A 267 -13.51 1.08 17.50
N PRO A 268 -12.21 1.16 17.72
CA PRO A 268 -11.66 2.38 18.29
C PRO A 268 -11.75 3.61 17.44
N SER A 269 -11.72 3.40 16.13
CA SER A 269 -11.68 4.43 15.10
C SER A 269 -12.26 3.88 13.83
N VAL A 270 -13.22 4.59 13.26
CA VAL A 270 -13.71 4.33 11.92
C VAL A 270 -13.51 5.56 11.06
N ARG A 271 -13.40 5.32 9.77
CA ARG A 271 -13.30 6.42 8.79
C ARG A 271 -14.19 6.15 7.60
N PHE A 272 -14.80 7.21 7.06
CA PHE A 272 -15.67 7.07 5.92
C PHE A 272 -15.32 8.05 4.78
N VAL A 273 -15.76 7.68 3.61
CA VAL A 273 -15.56 8.44 2.37
C VAL A 273 -16.93 8.76 1.82
N GLY A 274 -17.21 10.05 1.69
CA GLY A 274 -18.49 10.50 1.15
C GLY A 274 -19.02 11.59 2.06
N GLU A 275 -19.98 12.37 1.61
CA GLU A 275 -20.53 13.48 2.40
C GLU A 275 -21.20 12.91 3.62
N SER A 276 -21.07 13.56 4.76
CA SER A 276 -21.56 13.01 5.98
C SER A 276 -23.10 12.88 5.97
N ASN A 277 -23.77 13.74 5.22
CA ASN A 277 -25.21 13.74 5.09
C ASN A 277 -25.74 12.87 3.92
N GLN A 278 -24.89 12.10 3.24
CA GLN A 278 -25.39 11.09 2.27
C GLN A 278 -26.35 10.14 2.96
N LYS A 279 -27.40 9.77 2.27
CA LYS A 279 -28.43 8.90 2.83
C LYS A 279 -28.12 7.47 2.43
N ILE A 280 -28.12 6.60 3.43
CA ILE A 280 -27.77 5.19 3.32
C ILE A 280 -29.00 4.32 3.64
N LYS A 281 -29.29 3.40 2.73
CA LYS A 281 -30.32 2.34 2.97
C LYS A 281 -29.72 0.95 2.68
N ARG A 282 -29.06 0.81 1.52
CA ARG A 282 -28.51 -0.44 1.10
C ARG A 282 -26.98 -0.43 1.30
N ILE A 283 -26.49 -1.48 1.92
CA ILE A 283 -25.10 -1.60 2.33
C ILE A 283 -24.48 -2.89 1.81
N ALA A 284 -23.30 -2.77 1.21
CA ALA A 284 -22.48 -3.92 0.80
C ALA A 284 -21.30 -4.03 1.72
N ILE A 285 -21.04 -5.26 2.15
CA ILE A 285 -19.99 -5.54 3.11
C ILE A 285 -19.08 -6.68 2.63
N ILE A 286 -17.77 -6.41 2.58
CA ILE A 286 -16.72 -7.44 2.44
C ILE A 286 -15.74 -7.23 3.55
N GLY A 287 -15.82 -8.12 4.54
CA GLY A 287 -14.89 -8.01 5.63
C GLY A 287 -13.47 -8.28 5.24
N GLY A 288 -12.52 -7.61 5.92
CA GLY A 288 -11.10 -7.81 5.68
C GLY A 288 -10.54 -6.72 4.79
N SER A 289 -10.24 -7.05 3.53
CA SER A 289 -9.69 -6.11 2.57
C SER A 289 -10.37 -6.34 1.24
N GLY A 290 -11.51 -5.66 1.06
CA GLY A 290 -12.34 -5.86 -0.08
C GLY A 290 -12.26 -4.79 -1.14
N ILE A 291 -11.35 -3.83 -1.01
CA ILE A 291 -11.17 -2.84 -2.06
C ILE A 291 -10.86 -3.53 -3.37
N GLY A 292 -11.50 -3.09 -4.45
CA GLY A 292 -11.55 -3.78 -5.75
C GLY A 292 -13.01 -4.10 -6.11
N TYR A 293 -13.86 -4.25 -5.09
CA TYR A 293 -15.24 -4.64 -5.28
C TYR A 293 -16.21 -3.47 -5.11
N GLU A 294 -15.71 -2.27 -4.77
CA GLU A 294 -16.63 -1.17 -4.42
C GLU A 294 -17.47 -0.66 -5.60
N TYR A 295 -16.89 -0.62 -6.81
CA TYR A 295 -17.62 -0.13 -8.00
C TYR A 295 -18.74 -1.11 -8.40
N GLN A 296 -18.41 -2.39 -8.33
CA GLN A 296 -19.38 -3.45 -8.59
C GLN A 296 -20.52 -3.45 -7.53
N ALA A 297 -20.18 -3.17 -6.27
CA ALA A 297 -21.21 -3.09 -5.22
C ALA A 297 -22.22 -1.97 -5.52
N VAL A 298 -21.73 -0.80 -5.94
CA VAL A 298 -22.62 0.28 -6.30
C VAL A 298 -23.50 -0.12 -7.47
N GLN A 299 -22.87 -0.78 -8.47
N GLN A 299 -22.93 -0.80 -8.46
CA GLN A 299 -23.60 -1.41 -9.59
CA GLN A 299 -23.75 -1.29 -9.55
C GLN A 299 -24.73 -2.32 -9.08
C GLN A 299 -24.76 -2.34 -9.09
N GLN A 300 -24.48 -3.05 -7.99
CA GLN A 300 -25.44 -4.01 -7.43
C GLN A 300 -26.51 -3.29 -6.55
N GLY A 301 -26.49 -1.97 -6.46
CA GLY A 301 -27.42 -1.21 -5.61
C GLY A 301 -26.93 -0.59 -4.30
N ALA A 302 -25.69 -0.86 -3.88
CA ALA A 302 -25.21 -0.36 -2.60
C ALA A 302 -25.14 1.16 -2.55
N ASP A 303 -25.54 1.73 -1.40
CA ASP A 303 -25.32 3.15 -1.15
C ASP A 303 -23.89 3.35 -0.57
N VAL A 304 -23.33 2.30 0.02
CA VAL A 304 -22.03 2.38 0.70
C VAL A 304 -21.39 1.00 0.68
N PHE A 305 -20.07 1.00 0.48
CA PHE A 305 -19.28 -0.22 0.56
C PHE A 305 -18.44 -0.21 1.86
N VAL A 306 -18.62 -1.24 2.67
CA VAL A 306 -18.00 -1.38 3.97
C VAL A 306 -16.93 -2.48 3.90
N THR A 307 -15.68 -2.12 4.26
CA THR A 307 -14.58 -3.07 4.24
C THR A 307 -13.48 -2.59 5.18
N GLY A 308 -12.32 -3.22 5.16
CA GLY A 308 -11.15 -2.74 5.92
C GLY A 308 -9.98 -2.41 5.03
N ASP A 309 -8.93 -1.89 5.65
CA ASP A 309 -7.60 -1.73 5.00
C ASP A 309 -7.75 -0.80 3.76
N ILE A 310 -8.56 0.26 3.88
CA ILE A 310 -8.70 1.18 2.77
C ILE A 310 -7.52 2.16 2.75
N LYS A 311 -6.90 2.31 1.58
CA LYS A 311 -5.80 3.20 1.43
C LYS A 311 -6.17 4.50 0.72
N HIS A 312 -5.30 5.50 0.88
CA HIS A 312 -5.57 6.88 0.42
C HIS A 312 -6.04 6.97 -1.01
N HIS A 313 -5.33 6.34 -1.94
CA HIS A 313 -5.60 6.54 -3.36
C HIS A 313 -6.90 5.85 -3.75
N ASP A 314 -7.14 4.68 -3.20
CA ASP A 314 -8.43 4.05 -3.40
C ASP A 314 -9.61 4.84 -2.82
N ALA A 315 -9.42 5.46 -1.67
CA ALA A 315 -10.46 6.28 -1.10
C ALA A 315 -10.68 7.56 -1.95
N LEU A 316 -9.58 8.15 -2.45
CA LEU A 316 -9.67 9.38 -3.26
C LEU A 316 -10.40 9.13 -4.57
N ASP A 317 -10.03 8.04 -5.27
CA ASP A 317 -10.76 7.56 -6.45
C ASP A 317 -12.26 7.39 -6.19
N ALA A 318 -12.61 6.66 -5.12
CA ALA A 318 -14.01 6.49 -4.75
C ALA A 318 -14.71 7.84 -4.53
N LYS A 319 -14.07 8.73 -3.76
CA LYS A 319 -14.63 10.04 -3.49
C LYS A 319 -14.93 10.82 -4.79
N ILE A 320 -13.98 10.82 -5.71
CA ILE A 320 -14.12 11.56 -6.94
C ILE A 320 -15.18 10.91 -7.81
N HIS A 321 -15.35 9.59 -7.74
CA HIS A 321 -16.44 8.94 -8.49
C HIS A 321 -17.80 8.91 -7.80
N GLY A 322 -17.93 9.45 -6.60
CA GLY A 322 -19.20 9.41 -5.87
C GLY A 322 -19.51 8.08 -5.19
N VAL A 323 -18.49 7.24 -4.98
CA VAL A 323 -18.69 5.95 -4.33
C VAL A 323 -18.40 6.09 -2.86
N ASN A 324 -19.37 5.77 -2.03
CA ASN A 324 -19.21 5.93 -0.60
C ASN A 324 -18.59 4.66 0.02
N LEU A 325 -17.69 4.88 0.95
CA LEU A 325 -17.00 3.81 1.67
C LEU A 325 -17.01 4.02 3.15
N ILE A 326 -16.85 2.91 3.86
CA ILE A 326 -16.53 2.94 5.26
C ILE A 326 -15.43 1.91 5.51
N ASP A 327 -14.38 2.37 6.17
CA ASP A 327 -13.30 1.51 6.66
C ASP A 327 -13.60 1.20 8.11
N ILE A 328 -14.07 -0.03 8.35
CA ILE A 328 -14.27 -0.56 9.69
C ILE A 328 -13.05 -1.32 10.25
N ASN A 329 -11.96 -1.29 9.48
CA ASN A 329 -10.69 -1.98 9.75
C ASN A 329 -10.81 -3.47 9.42
N HIS A 330 -9.73 -4.00 8.87
CA HIS A 330 -9.61 -5.44 8.61
C HIS A 330 -9.90 -6.20 9.89
N TYR A 331 -9.40 -5.69 11.02
CA TYR A 331 -9.55 -6.40 12.30
C TYR A 331 -11.01 -6.72 12.68
N SER A 332 -11.99 -5.98 12.13
CA SER A 332 -13.38 -6.26 12.34
C SER A 332 -13.82 -7.67 11.90
N GLU A 333 -13.02 -8.41 11.14
CA GLU A 333 -13.29 -9.83 10.97
C GLU A 333 -13.29 -10.64 12.27
N TYR A 334 -12.85 -10.03 13.37
CA TYR A 334 -12.80 -10.76 14.65
C TYR A 334 -14.18 -11.28 15.04
N VAL A 335 -15.27 -10.66 14.53
CA VAL A 335 -16.62 -11.18 14.77
C VAL A 335 -16.80 -12.65 14.44
N MET A 336 -15.92 -13.21 13.63
CA MET A 336 -16.09 -14.65 13.30
C MET A 336 -15.70 -15.56 14.42
N LYS A 337 -15.03 -15.06 15.44
CA LYS A 337 -14.74 -15.91 16.58
C LYS A 337 -16.04 -16.41 17.27
N GLU A 338 -16.84 -15.46 17.69
CA GLU A 338 -18.11 -15.82 18.33
C GLU A 338 -19.04 -16.35 17.29
N GLY A 339 -18.98 -15.78 16.08
CA GLY A 339 -19.87 -16.26 15.03
C GLY A 339 -19.62 -17.75 14.74
N LEU A 340 -18.33 -18.11 14.62
CA LEU A 340 -17.99 -19.51 14.32
C LEU A 340 -18.27 -20.44 15.51
N LYS A 341 -18.08 -19.95 16.74
CA LYS A 341 -18.37 -20.74 17.92
C LYS A 341 -19.85 -21.10 17.91
N THR A 342 -20.72 -20.15 17.58
CA THR A 342 -22.15 -20.42 17.58
C THR A 342 -22.52 -21.46 16.51
N LEU A 343 -21.97 -21.28 15.33
CA LEU A 343 -22.21 -22.25 14.25
C LEU A 343 -21.79 -23.66 14.64
N LEU A 344 -20.58 -23.76 15.15
CA LEU A 344 -20.03 -25.09 15.49
C LEU A 344 -20.80 -25.76 16.66
N MET A 345 -21.21 -24.97 17.66
CA MET A 345 -22.06 -25.50 18.72
C MET A 345 -23.36 -26.10 18.17
N ASN A 346 -23.94 -25.41 17.19
CA ASN A 346 -25.18 -25.87 16.57
C ASN A 346 -24.96 -27.15 15.77
N TRP A 347 -23.92 -27.17 14.95
CA TRP A 347 -23.58 -28.35 14.16
C TRP A 347 -23.31 -29.57 15.05
N PHE A 348 -22.53 -29.34 16.10
CA PHE A 348 -22.25 -30.34 17.12
C PHE A 348 -23.53 -30.83 17.76
N ASN A 349 -24.44 -29.91 18.06
CA ASN A 349 -25.75 -30.30 18.63
C ASN A 349 -26.54 -31.23 17.71
N ILE A 350 -26.57 -30.93 16.42
CA ILE A 350 -27.23 -31.79 15.42
C ILE A 350 -26.64 -33.17 15.43
N GLU A 351 -25.31 -33.30 15.47
CA GLU A 351 -24.67 -34.60 15.45
C GLU A 351 -24.50 -35.23 16.86
N LYS A 352 -25.07 -34.62 17.90
CA LYS A 352 -24.91 -35.09 19.27
C LYS A 352 -23.46 -35.23 19.70
N ILE A 353 -22.62 -34.27 19.35
CA ILE A 353 -21.23 -34.26 19.75
C ILE A 353 -21.08 -33.39 20.99
N ASN A 354 -20.58 -33.96 22.07
CA ASN A 354 -20.39 -33.19 23.31
C ASN A 354 -18.97 -32.74 23.47
N ILE A 355 -18.61 -31.72 22.70
CA ILE A 355 -17.27 -31.14 22.74
C ILE A 355 -17.43 -29.65 22.99
N ASP A 356 -16.65 -29.10 23.93
CA ASP A 356 -16.66 -27.64 24.26
C ASP A 356 -16.09 -26.81 23.09
N VAL A 357 -16.71 -25.68 22.78
CA VAL A 357 -16.19 -24.72 21.84
C VAL A 357 -16.22 -23.37 22.52
N GLU A 358 -15.14 -22.61 22.42
CA GLU A 358 -15.06 -21.26 22.97
C GLU A 358 -14.42 -20.34 21.96
N ALA A 359 -14.85 -19.09 21.96
CA ALA A 359 -14.27 -18.02 21.17
C ALA A 359 -13.09 -17.49 21.95
N SER A 360 -11.92 -17.43 21.34
CA SER A 360 -10.77 -16.81 21.96
C SER A 360 -11.14 -15.37 22.39
N THR A 361 -10.79 -15.01 23.62
CA THR A 361 -11.09 -13.68 24.15
C THR A 361 -9.95 -12.71 23.94
N ILE A 362 -8.84 -13.15 23.35
CA ILE A 362 -7.70 -12.30 23.20
C ILE A 362 -7.93 -11.31 22.03
N ASN A 363 -7.71 -10.03 22.29
CA ASN A 363 -7.71 -9.03 21.25
C ASN A 363 -6.35 -9.05 20.56
N THR A 364 -6.32 -9.56 19.31
CA THR A 364 -5.11 -9.81 18.59
C THR A 364 -4.79 -8.70 17.55
N ASP A 365 -5.50 -7.57 17.61
CA ASP A 365 -5.23 -6.48 16.70
C ASP A 365 -3.79 -6.02 16.92
N PRO A 366 -2.93 -6.01 15.89
CA PRO A 366 -1.57 -5.43 16.08
C PRO A 366 -1.58 -3.91 16.32
N PHE A 367 -2.65 -3.24 15.92
CA PHE A 367 -2.81 -1.84 16.09
C PHE A 367 -3.38 -1.47 17.43
N GLN A 368 -2.77 -0.43 18.01
CA GLN A 368 -3.35 0.32 19.13
C GLN A 368 -3.62 1.76 18.65
N TYR A 369 -4.83 2.24 18.94
CA TYR A 369 -5.30 3.49 18.46
C TYR A 369 -5.25 4.59 19.51
N ILE A 370 -4.92 5.80 19.09
CA ILE A 370 -4.88 6.92 19.97
C ILE A 370 -5.43 8.16 19.31
N ALA B 1 12.16 45.16 -22.34
CA ALA B 1 10.89 44.41 -22.41
C ALA B 1 11.15 43.28 -21.45
N MET B 2 10.08 42.80 -20.87
CA MET B 2 10.15 42.25 -19.60
C MET B 2 10.56 40.79 -19.93
N ASP B 3 10.97 40.05 -18.93
CA ASP B 3 11.04 38.61 -19.05
C ASP B 3 10.20 38.07 -17.93
N PRO B 4 8.87 38.15 -18.07
CA PRO B 4 8.00 37.57 -17.07
C PRO B 4 8.25 36.07 -17.04
N MET B 5 8.09 35.43 -15.90
CA MET B 5 8.35 34.01 -15.81
C MET B 5 7.28 33.20 -16.58
N LYS B 6 7.73 32.35 -17.51
CA LYS B 6 6.85 31.39 -18.18
C LYS B 6 6.88 30.02 -17.49
N ILE B 7 5.93 29.15 -17.80
CA ILE B 7 5.95 27.80 -17.24
C ILE B 7 7.32 27.15 -17.48
N ALA B 8 7.90 27.32 -18.67
CA ALA B 8 9.21 26.76 -19.00
C ALA B 8 10.30 27.23 -18.00
N ASP B 9 10.28 28.52 -17.65
CA ASP B 9 11.21 29.10 -16.66
C ASP B 9 10.96 28.48 -15.28
N LEU B 10 9.70 28.34 -14.90
CA LEU B 10 9.41 27.75 -13.61
C LEU B 10 9.93 26.30 -13.57
N MET B 11 9.69 25.54 -14.63
CA MET B 11 10.15 24.15 -14.69
C MET B 11 11.66 24.02 -14.49
N THR B 12 12.42 24.90 -15.15
CA THR B 12 13.88 24.92 -14.98
C THR B 12 14.27 25.17 -13.52
N LEU B 13 13.59 26.09 -12.86
CA LEU B 13 13.90 26.39 -11.47
C LEU B 13 13.56 25.21 -10.58
N LEU B 14 12.38 24.63 -10.78
CA LEU B 14 11.93 23.47 -10.01
C LEU B 14 12.90 22.31 -10.14
N ASP B 15 13.29 22.07 -11.38
CA ASP B 15 14.20 21.01 -11.69
C ASP B 15 15.62 21.20 -11.11
N HIS B 16 16.05 22.46 -11.03
CA HIS B 16 17.33 22.78 -10.43
C HIS B 16 17.34 22.32 -8.96
N HIS B 17 16.30 22.66 -8.21
CA HIS B 17 16.29 22.38 -6.79
C HIS B 17 15.77 21.01 -6.41
N VAL B 18 14.89 20.41 -7.23
CA VAL B 18 14.25 19.13 -6.91
C VAL B 18 14.21 18.31 -8.20
N PRO B 19 15.36 17.81 -8.61
CA PRO B 19 15.51 17.35 -10.00
C PRO B 19 14.49 16.28 -10.38
N PHE B 20 13.82 16.48 -11.52
CA PHE B 20 12.79 15.54 -11.93
C PHE B 20 13.36 14.14 -12.18
N SER B 21 14.66 14.09 -12.52
CA SER B 21 15.35 12.84 -12.78
C SER B 21 15.48 11.95 -11.51
N THR B 22 15.30 12.53 -10.32
CA THR B 22 15.39 11.74 -9.11
C THR B 22 14.08 11.03 -8.81
N ALA B 23 13.02 11.32 -9.59
CA ALA B 23 11.76 10.58 -9.44
C ALA B 23 11.96 9.13 -9.88
N GLU B 24 11.15 8.22 -9.35
CA GLU B 24 11.23 6.80 -9.73
C GLU B 24 10.82 6.68 -11.18
N SER B 25 11.30 5.63 -11.87
CA SER B 25 11.06 5.48 -13.30
C SER B 25 9.62 5.15 -13.64
N TRP B 26 8.86 4.57 -12.71
CA TRP B 26 7.42 4.37 -12.90
C TRP B 26 6.57 5.64 -12.70
N ASP B 27 7.14 6.73 -12.15
CA ASP B 27 6.36 7.87 -11.73
C ASP B 27 6.01 8.74 -12.95
N ASN B 28 5.10 9.67 -12.76
CA ASN B 28 4.70 10.62 -13.77
C ASN B 28 4.86 12.03 -13.23
N VAL B 29 5.98 12.68 -13.56
CA VAL B 29 6.33 13.97 -12.94
C VAL B 29 6.57 15.06 -13.93
N GLY B 30 6.52 16.30 -13.47
CA GLY B 30 6.76 17.43 -14.33
C GLY B 30 5.48 18.11 -14.77
N LEU B 31 5.53 18.77 -15.91
CA LEU B 31 4.33 19.50 -16.43
C LEU B 31 3.38 18.44 -16.97
N LEU B 32 2.27 18.17 -16.29
CA LEU B 32 1.34 17.12 -16.71
C LEU B 32 0.28 17.71 -17.62
N ILE B 33 -0.15 18.93 -17.31
CA ILE B 33 -1.22 19.56 -18.03
C ILE B 33 -0.85 21.02 -18.14
N GLY B 34 -0.70 21.50 -19.38
CA GLY B 34 -0.48 22.92 -19.60
C GLY B 34 0.33 23.27 -20.83
N ASP B 35 0.92 24.46 -20.79
CA ASP B 35 1.59 25.07 -21.91
C ASP B 35 2.87 25.76 -21.39
N GLU B 36 4.03 25.28 -21.82
CA GLU B 36 5.34 25.81 -21.41
C GLU B 36 5.51 27.30 -21.69
N ASP B 37 4.77 27.78 -22.69
N ASP B 37 4.83 27.80 -22.72
CA ASP B 37 4.91 29.10 -23.21
CA ASP B 37 5.00 29.19 -23.14
C ASP B 37 4.15 30.13 -22.39
C ASP B 37 4.18 30.17 -22.32
N VAL B 38 3.25 29.68 -21.51
CA VAL B 38 2.33 30.56 -20.83
C VAL B 38 2.97 31.25 -19.64
N GLU B 39 2.63 32.52 -19.44
CA GLU B 39 3.15 33.31 -18.33
C GLU B 39 2.48 32.90 -16.99
N VAL B 40 3.27 32.67 -15.94
CA VAL B 40 2.75 32.26 -14.63
C VAL B 40 2.17 33.44 -13.89
N THR B 41 0.91 33.35 -13.48
CA THR B 41 0.25 34.46 -12.79
C THR B 41 0.27 34.29 -11.29
N GLY B 42 0.51 33.06 -10.82
CA GLY B 42 0.53 32.77 -9.42
C GLY B 42 0.63 31.27 -9.26
N VAL B 43 1.13 30.82 -8.10
CA VAL B 43 1.32 29.39 -7.82
C VAL B 43 0.59 28.93 -6.52
N LEU B 44 -0.22 27.88 -6.66
CA LEU B 44 -0.91 27.22 -5.61
C LEU B 44 -0.34 25.85 -5.43
N THR B 45 0.17 25.57 -4.23
CA THR B 45 0.63 24.21 -3.89
C THR B 45 -0.47 23.31 -3.29
N ALA B 46 -0.40 22.00 -3.59
CA ALA B 46 -1.46 21.08 -3.26
C ALA B 46 -0.84 19.68 -3.04
N LEU B 47 -1.54 18.83 -2.26
CA LEU B 47 -1.15 17.43 -2.19
C LEU B 47 -1.76 16.69 -3.39
N ASP B 48 -3.09 16.76 -3.48
CA ASP B 48 -3.86 16.20 -4.54
C ASP B 48 -4.60 17.37 -5.18
N CYS B 49 -4.57 17.40 -6.52
CA CYS B 49 -5.26 18.46 -7.30
C CYS B 49 -6.71 18.04 -7.53
N THR B 50 -7.57 18.26 -6.52
CA THR B 50 -8.97 17.91 -6.60
C THR B 50 -9.72 19.05 -7.31
N LEU B 51 -11.02 18.86 -7.54
CA LEU B 51 -11.81 19.93 -8.20
C LEU B 51 -11.82 21.21 -7.37
N GLU B 52 -11.95 21.06 -6.04
N GLU B 52 -11.90 21.02 -6.06
CA GLU B 52 -11.95 22.23 -5.15
CA GLU B 52 -11.96 22.14 -5.14
C GLU B 52 -10.64 23.01 -5.26
C GLU B 52 -10.65 22.95 -5.14
N VAL B 53 -9.52 22.30 -5.44
CA VAL B 53 -8.23 22.98 -5.58
C VAL B 53 -8.20 23.82 -6.89
N VAL B 54 -8.74 23.26 -7.95
CA VAL B 54 -8.80 23.96 -9.21
C VAL B 54 -9.68 25.23 -9.07
N ASN B 55 -10.81 25.10 -8.36
CA ASN B 55 -11.72 26.22 -8.14
C ASN B 55 -11.05 27.27 -7.33
N GLU B 56 -10.26 26.85 -6.35
CA GLU B 56 -9.49 27.78 -5.51
C GLU B 56 -8.43 28.55 -6.35
N ALA B 57 -7.74 27.89 -7.26
CA ALA B 57 -6.77 28.59 -8.15
C ALA B 57 -7.48 29.62 -9.00
N ILE B 58 -8.60 29.23 -9.60
CA ILE B 58 -9.37 30.14 -10.42
C ILE B 58 -9.78 31.36 -9.60
N GLU B 59 -10.25 31.10 -8.39
CA GLU B 59 -10.82 32.14 -7.57
C GLU B 59 -9.72 33.13 -7.20
N LYS B 60 -8.50 32.64 -7.03
CA LYS B 60 -7.37 33.50 -6.64
C LYS B 60 -6.66 34.15 -7.79
N GLY B 61 -7.03 33.80 -9.00
CA GLY B 61 -6.33 34.31 -10.17
C GLY B 61 -4.96 33.68 -10.41
N TYR B 62 -4.74 32.47 -9.89
CA TYR B 62 -3.50 31.75 -10.17
C TYR B 62 -3.68 30.74 -11.31
N ASN B 63 -2.70 30.66 -12.22
CA ASN B 63 -2.83 29.77 -13.38
C ASN B 63 -1.90 28.58 -13.30
N THR B 64 -1.29 28.36 -12.14
CA THR B 64 -0.34 27.25 -11.97
C THR B 64 -0.57 26.57 -10.64
N ILE B 65 -0.71 25.23 -10.71
CA ILE B 65 -0.85 24.39 -9.54
C ILE B 65 0.32 23.45 -9.57
N ILE B 66 1.03 23.36 -8.44
CA ILE B 66 2.01 22.32 -8.23
C ILE B 66 1.49 21.33 -7.14
N SER B 67 1.23 20.10 -7.55
CA SER B 67 0.77 19.09 -6.61
C SER B 67 1.89 18.09 -6.35
N HIS B 68 1.77 17.38 -5.24
CA HIS B 68 2.66 16.26 -4.98
C HIS B 68 2.20 15.04 -5.79
N HIS B 69 0.95 14.66 -5.63
CA HIS B 69 0.45 13.49 -6.31
C HIS B 69 0.11 13.85 -7.76
N PRO B 70 0.47 13.00 -8.71
CA PRO B 70 0.21 13.30 -10.12
C PRO B 70 -1.26 13.01 -10.43
N LEU B 71 -1.97 14.01 -10.95
CA LEU B 71 -3.38 13.85 -11.25
C LEU B 71 -3.55 12.81 -12.36
N ILE B 72 -2.59 12.78 -13.28
CA ILE B 72 -2.55 11.75 -14.31
C ILE B 72 -1.40 10.84 -13.93
N PHE B 73 -1.71 9.59 -13.64
CA PHE B 73 -0.68 8.66 -13.23
C PHE B 73 -0.55 7.59 -14.27
N LYS B 74 -1.49 6.67 -14.34
CA LYS B 74 -1.49 5.79 -15.48
C LYS B 74 -2.25 6.54 -16.58
N GLY B 75 -1.87 6.38 -17.81
CA GLY B 75 -2.46 7.27 -18.79
C GLY B 75 -4.00 7.31 -18.76
N VAL B 76 -4.56 8.47 -19.10
CA VAL B 76 -6.00 8.61 -19.18
C VAL B 76 -6.44 8.01 -20.51
N THR B 77 -7.45 7.16 -20.53
CA THR B 77 -8.02 6.70 -21.79
C THR B 77 -9.28 7.49 -22.23
N SER B 78 -9.81 8.34 -21.36
CA SER B 78 -10.83 9.30 -21.79
C SER B 78 -10.82 10.60 -20.99
N LEU B 79 -11.44 11.64 -21.54
CA LEU B 79 -11.55 12.94 -20.86
C LEU B 79 -13.01 13.40 -20.97
N LYS B 80 -13.83 12.78 -20.15
CA LYS B 80 -15.28 13.04 -20.12
C LYS B 80 -15.61 13.91 -18.91
N ALA B 81 -16.84 14.41 -18.87
CA ALA B 81 -17.29 15.33 -17.85
C ALA B 81 -17.67 14.57 -16.58
N ASN B 82 -16.77 13.76 -16.07
CA ASN B 82 -16.99 13.06 -14.83
C ASN B 82 -15.67 12.55 -14.31
N GLY B 83 -15.67 12.30 -13.01
CA GLY B 83 -14.50 11.76 -12.35
C GLY B 83 -13.29 12.65 -12.51
N TYR B 84 -12.18 12.04 -12.78
CA TYR B 84 -10.94 12.78 -12.93
C TYR B 84 -11.00 13.57 -14.24
N GLY B 85 -11.79 13.10 -15.20
CA GLY B 85 -12.02 13.85 -16.41
C GLY B 85 -12.53 15.26 -16.21
N LEU B 86 -13.41 15.42 -15.24
CA LEU B 86 -13.99 16.73 -14.94
C LEU B 86 -12.91 17.69 -14.44
N ILE B 87 -11.95 17.19 -13.68
CA ILE B 87 -10.89 18.01 -13.12
C ILE B 87 -9.91 18.43 -14.26
N ILE B 88 -9.55 17.47 -15.11
CA ILE B 88 -8.56 17.70 -16.13
C ILE B 88 -9.14 18.70 -17.14
N ARG B 89 -10.41 18.48 -17.53
CA ARG B 89 -11.12 19.39 -18.44
C ARG B 89 -11.23 20.81 -17.86
N LYS B 90 -11.48 20.92 -16.56
CA LYS B 90 -11.60 22.23 -15.97
C LYS B 90 -10.25 22.97 -16.01
N LEU B 91 -9.14 22.27 -15.77
CA LEU B 91 -7.78 22.85 -15.85
C LEU B 91 -7.59 23.43 -17.24
N ILE B 92 -7.91 22.61 -18.24
CA ILE B 92 -7.67 22.98 -19.61
C ILE B 92 -8.58 24.13 -20.03
N GLN B 93 -9.81 24.06 -19.63
CA GLN B 93 -10.73 25.04 -20.08
C GLN B 93 -10.44 26.42 -19.46
N HIS B 94 -9.84 26.43 -18.27
CA HIS B 94 -9.44 27.67 -17.62
C HIS B 94 -7.98 28.02 -17.79
N ASP B 95 -7.28 27.34 -18.70
CA ASP B 95 -5.86 27.60 -18.92
C ASP B 95 -5.04 27.57 -17.62
N ILE B 96 -5.31 26.55 -16.79
CA ILE B 96 -4.54 26.30 -15.62
C ILE B 96 -3.54 25.19 -15.92
N ASN B 97 -2.31 25.45 -15.51
CA ASN B 97 -1.23 24.53 -15.67
C ASN B 97 -1.00 23.74 -14.38
N LEU B 98 -0.72 22.44 -14.52
CA LEU B 98 -0.56 21.54 -13.40
C LEU B 98 0.78 20.84 -13.53
N ILE B 99 1.63 21.02 -12.53
CA ILE B 99 2.93 20.35 -12.44
C ILE B 99 2.91 19.40 -11.25
N ALA B 100 3.43 18.19 -11.43
CA ALA B 100 3.53 17.24 -10.37
C ALA B 100 4.99 17.13 -9.94
N MET B 101 5.22 17.35 -8.66
CA MET B 101 6.52 17.09 -8.04
C MET B 101 6.29 15.97 -7.07
N HIS B 102 6.41 14.73 -7.60
CA HIS B 102 5.99 13.57 -6.85
C HIS B 102 7.18 12.89 -6.18
N THR B 103 7.64 11.73 -6.66
CA THR B 103 8.69 11.04 -5.91
C THR B 103 10.02 11.82 -5.90
N ASN B 104 10.30 12.70 -6.87
CA ASN B 104 11.42 13.65 -6.71
C ASN B 104 11.37 14.47 -5.42
N LEU B 105 10.18 14.85 -4.99
CA LEU B 105 10.05 15.56 -3.71
C LEU B 105 10.10 14.61 -2.51
N ASP B 106 9.66 13.35 -2.68
CA ASP B 106 9.78 12.33 -1.60
C ASP B 106 11.24 12.04 -1.25
N VAL B 107 12.14 12.18 -2.22
CA VAL B 107 13.53 11.81 -2.03
C VAL B 107 14.49 12.99 -1.89
N ASN B 108 13.95 14.19 -1.91
CA ASN B 108 14.77 15.39 -1.85
C ASN B 108 15.24 15.69 -0.40
N PRO B 109 16.51 16.11 -0.23
CA PRO B 109 16.95 16.48 1.13
C PRO B 109 16.10 17.53 1.82
N HIS B 110 15.33 18.32 1.07
CA HIS B 110 14.41 19.29 1.68
C HIS B 110 12.95 18.94 1.44
N GLY B 111 12.73 17.70 1.02
CA GLY B 111 11.42 17.22 0.56
C GLY B 111 10.46 16.71 1.64
N VAL B 112 9.52 15.81 1.27
CA VAL B 112 8.39 15.44 2.13
C VAL B 112 8.82 14.93 3.55
N ASN B 113 9.85 14.13 3.56
CA ASN B 113 10.31 13.51 4.80
C ASN B 113 11.11 14.40 5.71
N MET B 114 11.91 15.30 5.12
CA MET B 114 12.52 16.39 5.93
C MET B 114 11.41 17.25 6.52
N MET B 115 10.38 17.58 5.72
CA MET B 115 9.24 18.37 6.20
C MET B 115 8.48 17.70 7.34
N LEU B 116 8.22 16.41 7.17
CA LEU B 116 7.58 15.64 8.24
C LEU B 116 8.41 15.65 9.54
N ALA B 117 9.71 15.37 9.43
CA ALA B 117 10.59 15.36 10.60
C ALA B 117 10.63 16.71 11.32
N LYS B 118 10.70 17.77 10.53
CA LYS B 118 10.69 19.13 11.07
C LYS B 118 9.38 19.43 11.79
N VAL B 119 8.24 19.06 11.19
CA VAL B 119 6.96 19.30 11.85
C VAL B 119 6.80 18.48 13.14
N MET B 120 7.45 17.33 13.19
CA MET B 120 7.49 16.53 14.41
C MET B 120 8.46 17.01 15.46
N GLY B 121 9.25 18.04 15.16
CA GLY B 121 10.22 18.59 16.10
C GLY B 121 11.47 17.79 16.28
N LEU B 122 11.82 16.97 15.30
CA LEU B 122 12.95 16.04 15.44
C LEU B 122 14.25 16.73 15.11
N LYS B 123 15.34 16.12 15.55
N LYS B 123 15.34 16.10 15.50
CA LYS B 123 16.70 16.62 15.40
CA LYS B 123 16.67 16.64 15.33
C LYS B 123 17.50 15.61 14.57
C LYS B 123 17.54 15.59 14.64
N ASN B 124 18.69 16.05 14.16
CA ASN B 124 19.70 15.21 13.50
C ASN B 124 19.12 14.46 12.32
N ILE B 125 18.41 15.18 11.46
CA ILE B 125 17.64 14.59 10.40
C ILE B 125 18.56 14.31 9.20
N SER B 126 18.61 13.08 8.73
CA SER B 126 19.28 12.83 7.46
C SER B 126 18.57 11.85 6.57
N ILE B 127 18.84 12.02 5.27
CA ILE B 127 18.33 11.20 4.24
C ILE B 127 18.81 9.78 4.44
N ILE B 128 17.93 8.82 4.19
CA ILE B 128 18.29 7.39 4.15
C ILE B 128 17.86 6.78 2.81
N ASN B 129 18.24 5.52 2.61
CA ASN B 129 17.96 4.80 1.36
C ASN B 129 18.53 5.54 0.14
N ASN B 130 19.74 6.06 0.26
CA ASN B 130 20.31 6.92 -0.78
C ASN B 130 20.41 6.30 -2.14
N GLN B 131 20.08 7.09 -3.17
CA GLN B 131 20.28 6.69 -4.55
C GLN B 131 21.82 6.55 -4.80
N GLN B 132 22.19 5.92 -5.91
CA GLN B 132 23.60 5.85 -6.36
C GLN B 132 23.65 6.55 -7.70
N ASP B 133 24.58 7.47 -7.84
CA ASP B 133 24.76 8.19 -9.08
C ASP B 133 26.01 7.69 -9.77
N VAL B 134 25.91 7.52 -11.08
CA VAL B 134 27.01 7.02 -11.88
C VAL B 134 27.80 8.19 -12.43
N TYR B 135 29.11 8.15 -12.19
CA TYR B 135 30.08 9.11 -12.75
C TYR B 135 31.14 8.32 -13.51
N TYR B 136 32.05 9.02 -14.18
CA TYR B 136 33.24 8.38 -14.76
C TYR B 136 34.49 9.12 -14.37
N LYS B 137 35.52 8.35 -14.02
CA LYS B 137 36.86 8.92 -13.93
C LYS B 137 37.50 8.77 -15.31
N VAL B 138 37.72 9.91 -15.96
CA VAL B 138 38.36 9.97 -17.25
C VAL B 138 39.86 9.96 -17.02
N GLN B 139 40.56 9.08 -17.73
CA GLN B 139 42.01 8.98 -17.68
C GLN B 139 42.58 9.11 -19.09
N THR B 140 43.41 10.12 -19.30
CA THR B 140 44.20 10.22 -20.53
C THR B 140 45.70 10.27 -20.20
N TYR B 141 46.49 9.87 -21.21
CA TYR B 141 47.94 9.84 -21.11
C TYR B 141 48.51 10.80 -22.15
N ILE B 142 49.42 11.68 -21.72
CA ILE B 142 49.87 12.82 -22.53
C ILE B 142 51.30 13.31 -22.16
N PRO B 143 52.14 13.64 -23.17
CA PRO B 143 53.49 14.15 -22.84
C PRO B 143 53.48 15.47 -22.04
N LYS B 144 54.47 15.64 -21.16
CA LYS B 144 54.49 16.75 -20.19
C LYS B 144 54.33 18.14 -20.81
N ASP B 145 54.99 18.40 -21.93
CA ASP B 145 54.90 19.71 -22.56
C ASP B 145 53.56 19.97 -23.22
N ASN B 146 52.82 18.90 -23.50
CA ASN B 146 51.49 18.99 -24.10
C ASN B 146 50.38 19.18 -23.07
N VAL B 147 50.73 19.08 -21.79
CA VAL B 147 49.75 18.97 -20.70
C VAL B 147 48.90 20.25 -20.51
N GLY B 148 49.55 21.40 -20.62
CA GLY B 148 48.87 22.67 -20.38
C GLY B 148 47.75 22.98 -21.35
N PRO B 149 48.06 23.07 -22.65
CA PRO B 149 47.04 23.41 -23.66
C PRO B 149 45.99 22.30 -23.85
N PHE B 150 46.36 21.06 -23.56
CA PHE B 150 45.36 20.01 -23.51
C PHE B 150 44.37 20.38 -22.39
N LYS B 151 44.89 20.64 -21.19
CA LYS B 151 44.05 20.96 -20.03
C LYS B 151 43.16 22.19 -20.24
N ASP B 152 43.77 23.27 -20.74
CA ASP B 152 43.06 24.54 -21.02
C ASP B 152 41.92 24.40 -22.02
N LYS B 153 42.15 23.60 -23.07
CA LYS B 153 41.14 23.38 -24.10
C LYS B 153 39.97 22.54 -23.57
N LEU B 154 40.29 21.50 -22.81
CA LEU B 154 39.23 20.70 -22.18
C LEU B 154 38.45 21.57 -21.21
N SER B 155 39.15 22.49 -20.53
CA SER B 155 38.55 23.35 -19.51
C SER B 155 37.79 24.54 -20.13
N GLU B 156 38.35 25.08 -21.20
CA GLU B 156 37.65 26.04 -22.05
C GLU B 156 36.32 25.48 -22.53
N ASN B 157 36.26 24.17 -22.76
CA ASN B 157 35.04 23.54 -23.24
C ASN B 157 34.20 22.92 -22.12
N GLY B 158 34.52 23.29 -20.87
CA GLY B 158 33.64 23.02 -19.73
C GLY B 158 33.75 21.66 -19.05
N LEU B 159 34.86 20.96 -19.30
CA LEU B 159 35.16 19.69 -18.62
C LEU B 159 36.00 19.99 -17.35
N ALA B 160 35.83 19.18 -16.30
CA ALA B 160 36.58 19.34 -15.04
C ALA B 160 36.21 20.62 -14.31
N GLN B 161 34.95 21.04 -14.44
CA GLN B 161 34.41 22.26 -13.83
C GLN B 161 33.45 21.91 -12.68
N GLU B 166 36.45 24.85 -11.10
CA GLU B 166 37.01 24.66 -12.45
C GLU B 166 38.44 24.07 -12.48
N TYR B 167 38.84 23.59 -13.66
CA TYR B 167 40.20 23.10 -13.93
C TYR B 167 40.67 22.04 -12.92
N CYS B 168 39.79 21.12 -12.58
CA CYS B 168 40.05 20.10 -11.56
C CYS B 168 40.62 18.86 -12.20
N PHE B 169 41.94 18.74 -12.15
CA PHE B 169 42.65 17.61 -12.71
C PHE B 169 43.53 17.04 -11.62
N PHE B 170 43.84 15.75 -11.74
CA PHE B 170 44.91 15.13 -10.97
C PHE B 170 45.98 14.57 -11.92
N GLU B 171 47.24 14.88 -11.62
CA GLU B 171 48.38 14.57 -12.51
C GLU B 171 49.36 13.54 -11.93
N SER B 172 49.64 12.54 -12.77
CA SER B 172 50.40 11.36 -12.41
C SER B 172 51.54 11.29 -13.42
N GLU B 173 52.76 11.00 -12.98
CA GLU B 173 53.85 10.79 -13.92
C GLU B 173 54.13 9.31 -14.10
N GLY B 174 54.45 8.92 -15.32
CA GLY B 174 54.73 7.52 -15.65
C GLY B 174 55.37 7.38 -17.02
N ARG B 175 55.73 6.15 -17.37
CA ARG B 175 56.40 5.88 -18.64
C ARG B 175 55.57 4.90 -19.49
N GLY B 176 55.20 5.34 -20.69
CA GLY B 176 54.52 4.47 -21.64
C GLY B 176 55.53 3.68 -22.44
N GLN B 177 55.04 2.69 -23.18
CA GLN B 177 55.88 1.89 -24.10
C GLN B 177 55.03 1.06 -25.07
N GLU B 195 61.60 2.21 -21.01
CA GLU B 195 60.54 3.20 -20.96
C GLU B 195 60.65 4.15 -22.18
N ASP B 196 60.16 3.68 -23.32
CA ASP B 196 60.15 4.45 -24.58
C ASP B 196 59.71 5.91 -24.38
N VAL B 197 58.58 6.11 -23.69
CA VAL B 197 57.95 7.45 -23.63
C VAL B 197 57.49 7.91 -22.24
N ASP B 198 58.04 9.04 -21.78
CA ASP B 198 57.61 9.68 -20.53
C ASP B 198 56.26 10.33 -20.75
N GLU B 199 55.26 9.94 -19.95
CA GLU B 199 53.92 10.50 -20.08
C GLU B 199 53.36 11.02 -18.76
N VAL B 200 52.39 11.92 -18.89
CA VAL B 200 51.58 12.37 -17.77
C VAL B 200 50.18 11.77 -17.92
N LYS B 201 49.79 10.99 -16.91
CA LYS B 201 48.45 10.48 -16.79
C LYS B 201 47.61 11.52 -16.05
N ILE B 202 46.73 12.18 -16.80
CA ILE B 202 45.84 13.18 -16.23
C ILE B 202 44.46 12.53 -15.97
N GLU B 203 43.87 12.85 -14.84
CA GLU B 203 42.55 12.32 -14.45
C GLU B 203 41.56 13.45 -14.10
N PHE B 204 40.29 13.19 -14.35
CA PHE B 204 39.23 14.09 -13.92
C PHE B 204 37.89 13.36 -13.94
N MET B 205 36.88 14.02 -13.38
CA MET B 205 35.55 13.45 -13.20
C MET B 205 34.59 14.01 -14.23
N ILE B 206 33.69 13.15 -14.70
CA ILE B 206 32.54 13.63 -15.45
C ILE B 206 31.28 12.93 -14.94
N ASP B 207 30.15 13.60 -15.10
CA ASP B 207 28.85 12.96 -14.89
C ASP B 207 28.64 11.99 -16.03
N ALA B 208 27.74 11.02 -15.83
CA ALA B 208 27.50 9.97 -16.83
C ALA B 208 27.05 10.49 -18.21
N TYR B 209 26.31 11.58 -18.28
CA TYR B 209 25.78 12.03 -19.57
C TYR B 209 26.86 12.68 -20.47
N GLN B 210 28.00 13.05 -19.86
CA GLN B 210 29.09 13.73 -20.58
C GLN B 210 30.06 12.83 -21.36
N LYS B 211 30.01 11.51 -21.12
CA LYS B 211 30.97 10.56 -21.73
C LYS B 211 31.22 10.90 -23.21
N SER B 212 30.15 10.91 -24.00
CA SER B 212 30.27 11.11 -25.44
C SER B 212 30.96 12.42 -25.80
N ARG B 213 30.60 13.50 -25.11
CA ARG B 213 31.24 14.78 -25.35
C ARG B 213 32.71 14.77 -24.93
N ALA B 214 33.01 14.11 -23.81
CA ALA B 214 34.38 13.99 -23.36
C ALA B 214 35.22 13.31 -24.45
N GLU B 215 34.72 12.17 -24.95
CA GLU B 215 35.33 11.47 -26.10
C GLU B 215 35.64 12.40 -27.29
N GLN B 216 34.63 13.17 -27.69
CA GLN B 216 34.75 14.14 -28.78
C GLN B 216 35.91 15.10 -28.47
N LEU B 217 35.80 15.79 -27.34
CA LEU B 217 36.81 16.78 -26.95
C LEU B 217 38.22 16.17 -26.81
N ILE B 218 38.32 14.98 -26.23
CA ILE B 218 39.64 14.36 -26.03
C ILE B 218 40.30 14.05 -27.37
N LYS B 219 39.59 13.31 -28.22
CA LYS B 219 40.06 13.00 -29.58
C LYS B 219 40.47 14.25 -30.36
N GLN B 220 39.68 15.31 -30.21
CA GLN B 220 39.92 16.58 -30.90
C GLN B 220 41.22 17.28 -30.47
N TYR B 221 41.41 17.43 -29.16
CA TYR B 221 42.52 18.26 -28.67
C TYR B 221 43.73 17.46 -28.19
N HIS B 222 43.73 16.13 -28.37
CA HIS B 222 44.88 15.32 -27.94
C HIS B 222 46.09 15.44 -28.91
N PRO B 223 47.33 15.39 -28.38
CA PRO B 223 48.55 15.26 -29.18
C PRO B 223 48.57 14.04 -30.09
N TYR B 224 48.38 12.84 -29.52
CA TYR B 224 48.45 11.60 -30.30
C TYR B 224 47.40 11.60 -31.43
N GLU B 225 47.81 11.12 -32.60
CA GLU B 225 46.89 10.80 -33.70
C GLU B 225 45.80 9.81 -33.23
N THR B 226 46.23 8.75 -32.56
CA THR B 226 45.35 7.77 -31.94
C THR B 226 45.48 7.83 -30.40
N PRO B 227 44.79 8.80 -29.76
CA PRO B 227 45.05 9.05 -28.33
C PRO B 227 44.49 7.97 -27.42
N VAL B 228 45.17 7.73 -26.30
CA VAL B 228 44.78 6.69 -25.34
C VAL B 228 44.03 7.31 -24.15
N PHE B 229 42.77 6.91 -23.98
CA PHE B 229 41.90 7.47 -22.92
C PHE B 229 40.89 6.42 -22.44
N ASP B 230 40.56 6.49 -21.14
CA ASP B 230 39.69 5.52 -20.48
C ASP B 230 38.62 6.21 -19.62
N PHE B 231 37.43 5.62 -19.60
CA PHE B 231 36.35 6.00 -18.71
C PHE B 231 36.13 4.86 -17.75
N ILE B 232 36.35 5.15 -16.48
CA ILE B 232 36.17 4.19 -15.40
C ILE B 232 34.92 4.59 -14.65
N GLU B 233 33.90 3.75 -14.72
CA GLU B 233 32.68 3.96 -13.97
C GLU B 233 32.94 4.04 -12.45
N ILE B 234 32.43 5.11 -11.83
CA ILE B 234 32.47 5.33 -10.40
C ILE B 234 31.03 5.53 -9.93
N LYS B 235 30.62 4.84 -8.88
CA LYS B 235 29.34 5.10 -8.27
C LYS B 235 29.59 5.85 -6.98
N GLN B 236 28.77 6.88 -6.76
CA GLN B 236 28.79 7.68 -5.55
C GLN B 236 27.43 7.66 -4.92
N THR B 237 27.40 7.72 -3.59
CA THR B 237 26.19 7.81 -2.84
C THR B 237 25.57 9.16 -3.06
N SER B 238 24.29 9.16 -3.43
CA SER B 238 23.61 10.37 -3.78
C SER B 238 23.21 11.09 -2.50
N LEU B 239 22.88 12.36 -2.64
CA LEU B 239 22.24 13.12 -1.59
C LEU B 239 20.73 12.85 -1.50
N TYR B 240 20.18 12.22 -2.55
CA TYR B 240 18.76 11.90 -2.67
C TYR B 240 18.49 10.50 -2.15
N GLY B 241 17.37 10.33 -1.44
CA GLY B 241 16.97 9.03 -0.96
C GLY B 241 15.59 9.09 -0.35
N LEU B 242 14.88 7.96 -0.39
CA LEU B 242 13.53 7.82 0.16
C LEU B 242 13.52 7.57 1.68
N GLY B 243 13.15 8.63 2.39
CA GLY B 243 13.01 8.62 3.83
C GLY B 243 14.10 9.46 4.49
N VAL B 244 13.87 9.73 5.76
CA VAL B 244 14.87 10.26 6.67
C VAL B 244 14.96 9.45 7.93
N MET B 245 16.13 9.51 8.57
CA MET B 245 16.30 9.04 9.94
C MET B 245 16.48 10.29 10.74
N ALA B 246 15.88 10.35 11.93
CA ALA B 246 16.04 11.46 12.82
C ALA B 246 15.87 10.96 14.28
N GLU B 247 15.99 11.89 15.24
CA GLU B 247 15.81 11.55 16.65
C GLU B 247 14.94 12.55 17.38
N VAL B 248 14.30 12.06 18.43
CA VAL B 248 13.60 12.92 19.38
C VAL B 248 14.65 13.55 20.23
N ASP B 249 14.34 14.75 20.72
CA ASP B 249 15.21 15.49 21.61
C ASP B 249 15.55 14.63 22.82
N ASN B 250 14.49 14.06 23.40
CA ASN B 250 14.56 13.25 24.62
C ASN B 250 13.90 11.90 24.35
N GLN B 251 14.62 10.79 24.56
CA GLN B 251 14.06 9.42 24.51
C GLN B 251 12.67 9.41 25.17
N MET B 252 11.67 8.86 24.50
CA MET B 252 10.32 8.82 25.03
C MET B 252 9.64 7.49 24.69
N THR B 253 8.45 7.26 25.22
CA THR B 253 7.78 5.99 24.96
C THR B 253 7.10 6.06 23.60
N LEU B 254 6.95 4.91 22.96
CA LEU B 254 6.23 4.78 21.72
C LEU B 254 4.84 5.48 21.75
N GLU B 255 4.05 5.21 22.77
CA GLU B 255 2.73 5.81 22.82
C GLU B 255 2.78 7.31 23.00
N ASP B 256 3.77 7.80 23.74
CA ASP B 256 3.92 9.22 23.94
C ASP B 256 4.37 9.91 22.65
N PHE B 257 5.28 9.25 21.92
CA PHE B 257 5.70 9.74 20.62
C PHE B 257 4.54 9.78 19.64
N ALA B 258 3.78 8.69 19.56
CA ALA B 258 2.59 8.67 18.73
C ALA B 258 1.61 9.83 19.05
N ALA B 259 1.38 10.08 20.33
CA ALA B 259 0.45 11.16 20.74
C ALA B 259 0.98 12.51 20.37
N ASP B 260 2.28 12.68 20.57
CA ASP B 260 2.93 13.95 20.24
C ASP B 260 2.82 14.31 18.76
N ILE B 261 3.05 13.33 17.90
CA ILE B 261 3.06 13.63 16.49
C ILE B 261 1.60 13.75 15.95
N LYS B 262 0.65 13.05 16.58
CA LYS B 262 -0.77 13.21 16.29
C LYS B 262 -1.17 14.65 16.49
N SER B 263 -0.74 15.24 17.63
CA SER B 263 -1.01 16.63 17.94
C SER B 263 -0.30 17.60 16.99
N LYS B 264 0.98 17.37 16.74
CA LYS B 264 1.78 18.29 15.92
C LYS B 264 1.29 18.34 14.47
N LEU B 265 0.88 17.20 13.93
CA LEU B 265 0.36 17.15 12.57
C LEU B 265 -1.17 17.27 12.46
N ASN B 266 -1.85 17.47 13.59
CA ASN B 266 -3.31 17.59 13.67
C ASN B 266 -4.04 16.42 13.00
N ILE B 267 -3.66 15.22 13.40
CA ILE B 267 -4.19 14.04 12.80
C ILE B 267 -5.38 13.61 13.62
N PRO B 268 -6.50 13.25 12.97
CA PRO B 268 -7.70 12.86 13.73
C PRO B 268 -7.55 11.54 14.48
N SER B 269 -6.75 10.64 13.95
CA SER B 269 -6.56 9.33 14.55
C SER B 269 -5.19 8.84 14.13
N VAL B 270 -4.44 8.27 15.09
CA VAL B 270 -3.18 7.60 14.84
C VAL B 270 -3.25 6.19 15.43
N ARG B 271 -2.54 5.25 14.81
CA ARG B 271 -2.39 3.92 15.37
C ARG B 271 -0.93 3.45 15.31
N PHE B 272 -0.54 2.67 16.31
CA PHE B 272 0.80 2.23 16.40
C PHE B 272 0.87 0.75 16.66
N VAL B 273 2.02 0.20 16.34
CA VAL B 273 2.28 -1.22 16.52
C VAL B 273 3.52 -1.33 17.35
N GLY B 274 3.41 -2.03 18.48
CA GLY B 274 4.55 -2.25 19.41
C GLY B 274 4.09 -1.99 20.84
N GLU B 275 4.92 -2.35 21.80
CA GLU B 275 4.62 -2.19 23.22
C GLU B 275 4.51 -0.66 23.46
N SER B 276 3.44 -0.25 24.13
CA SER B 276 3.14 1.17 24.29
C SER B 276 4.21 1.91 25.10
N ASN B 277 4.91 1.18 25.98
CA ASN B 277 5.98 1.74 26.81
C ASN B 277 7.39 1.52 26.23
N GLN B 278 7.47 1.09 24.97
CA GLN B 278 8.75 0.90 24.31
C GLN B 278 9.50 2.24 24.22
N LYS B 279 10.77 2.25 24.57
CA LYS B 279 11.54 3.46 24.49
C LYS B 279 12.00 3.73 23.05
N ILE B 280 11.83 4.95 22.60
CA ILE B 280 12.00 5.37 21.23
C ILE B 280 13.04 6.48 21.26
N LYS B 281 14.07 6.41 20.44
CA LYS B 281 14.95 7.56 20.23
C LYS B 281 15.13 7.92 18.76
N ARG B 282 15.44 6.92 17.94
CA ARG B 282 15.66 7.10 16.52
C ARG B 282 14.42 6.68 15.72
N ILE B 283 14.04 7.53 14.78
CA ILE B 283 12.81 7.47 14.04
C ILE B 283 13.10 7.45 12.55
N ALA B 284 12.60 6.47 11.82
CA ALA B 284 12.66 6.49 10.35
C ALA B 284 11.28 6.93 9.87
N ILE B 285 11.24 7.78 8.86
CA ILE B 285 10.00 8.34 8.31
C ILE B 285 9.96 8.22 6.80
N ILE B 286 8.93 7.55 6.30
CA ILE B 286 8.59 7.59 4.88
C ILE B 286 7.11 7.98 4.76
N GLY B 287 6.88 9.24 4.42
CA GLY B 287 5.49 9.68 4.32
C GLY B 287 4.83 9.06 3.14
N GLY B 288 3.52 8.86 3.23
CA GLY B 288 2.75 8.26 2.15
C GLY B 288 2.44 6.80 2.47
N SER B 289 3.01 5.93 1.69
CA SER B 289 2.81 4.48 1.83
C SER B 289 4.18 3.83 1.74
N GLY B 290 4.87 3.71 2.88
CA GLY B 290 6.26 3.20 2.88
C GLY B 290 6.48 1.82 3.40
N ILE B 291 5.39 1.09 3.62
CA ILE B 291 5.52 -0.27 4.09
C ILE B 291 6.26 -1.03 2.98
N GLY B 292 7.20 -1.88 3.41
CA GLY B 292 8.17 -2.49 2.53
C GLY B 292 9.57 -2.07 2.99
N TYR B 293 9.68 -0.92 3.66
CA TYR B 293 10.99 -0.38 4.12
C TYR B 293 11.22 -0.53 5.60
N GLU B 294 10.25 -1.08 6.34
CA GLU B 294 10.34 -1.08 7.81
C GLU B 294 11.45 -1.96 8.36
N TYR B 295 11.66 -3.11 7.73
CA TYR B 295 12.71 -4.03 8.20
C TYR B 295 14.10 -3.43 7.97
N GLN B 296 14.28 -2.79 6.81
CA GLN B 296 15.53 -2.11 6.48
C GLN B 296 15.78 -0.89 7.39
N ALA B 297 14.71 -0.16 7.70
CA ALA B 297 14.78 0.93 8.66
C ALA B 297 15.30 0.45 10.00
N VAL B 298 14.78 -0.68 10.48
CA VAL B 298 15.30 -1.23 11.74
C VAL B 298 16.78 -1.62 11.60
N GLN B 299 17.15 -2.24 10.48
CA GLN B 299 18.57 -2.56 10.24
C GLN B 299 19.40 -1.25 10.22
N GLN B 300 18.83 -0.15 9.73
CA GLN B 300 19.53 1.13 9.64
C GLN B 300 19.59 1.84 11.04
N GLY B 301 18.98 1.26 12.09
CA GLY B 301 19.01 1.82 13.46
C GLY B 301 17.71 2.44 13.98
N ALA B 302 16.64 2.38 13.21
CA ALA B 302 15.37 2.94 13.68
C ALA B 302 14.78 2.18 14.85
N ASP B 303 14.27 2.88 15.84
CA ASP B 303 13.40 2.30 16.88
C ASP B 303 11.93 2.18 16.49
N VAL B 304 11.53 2.97 15.48
CA VAL B 304 10.16 2.97 14.98
C VAL B 304 10.20 3.51 13.55
N PHE B 305 9.30 2.94 12.74
CA PHE B 305 9.11 3.28 11.39
C PHE B 305 7.77 3.98 11.26
N VAL B 306 7.80 5.23 10.80
CA VAL B 306 6.62 6.07 10.68
C VAL B 306 6.22 6.21 9.23
N THR B 307 4.96 5.87 8.93
CA THR B 307 4.47 5.92 7.56
C THR B 307 2.94 6.03 7.54
N GLY B 308 2.35 5.87 6.38
CA GLY B 308 0.88 5.79 6.23
C GLY B 308 0.44 4.54 5.54
N ASP B 309 -0.89 4.37 5.45
CA ASP B 309 -1.58 3.27 4.73
C ASP B 309 -1.10 1.89 5.24
N ILE B 310 -0.91 1.73 6.55
CA ILE B 310 -0.48 0.42 7.07
C ILE B 310 -1.70 -0.53 7.12
N LYS B 311 -1.52 -1.70 6.55
CA LYS B 311 -2.54 -2.74 6.54
C LYS B 311 -2.32 -3.84 7.59
N HIS B 312 -3.42 -4.49 7.95
CA HIS B 312 -3.44 -5.52 9.01
C HIS B 312 -2.30 -6.51 8.98
N HIS B 313 -2.15 -7.24 7.87
CA HIS B 313 -1.19 -8.32 7.84
C HIS B 313 0.24 -7.80 7.94
N ASP B 314 0.51 -6.62 7.38
CA ASP B 314 1.84 -6.06 7.54
C ASP B 314 2.14 -5.59 8.97
N ALA B 315 1.12 -5.03 9.63
CA ALA B 315 1.20 -4.67 11.03
C ALA B 315 1.39 -5.93 11.91
N LEU B 316 0.61 -6.97 11.62
CA LEU B 316 0.76 -8.27 12.31
C LEU B 316 2.20 -8.82 12.23
N ASP B 317 2.74 -8.87 11.01
CA ASP B 317 4.12 -9.28 10.77
C ASP B 317 5.11 -8.43 11.58
N ALA B 318 4.96 -7.11 11.48
CA ALA B 318 5.82 -6.18 12.23
C ALA B 318 5.78 -6.46 13.75
N LYS B 319 4.58 -6.63 14.28
CA LYS B 319 4.40 -6.90 15.71
C LYS B 319 5.18 -8.16 16.13
N ILE B 320 4.96 -9.25 15.41
CA ILE B 320 5.59 -10.51 15.79
C ILE B 320 7.12 -10.43 15.67
N HIS B 321 7.63 -9.63 14.74
CA HIS B 321 9.06 -9.48 14.60
C HIS B 321 9.65 -8.34 15.47
N GLY B 322 8.83 -7.68 16.27
CA GLY B 322 9.30 -6.60 17.10
C GLY B 322 9.61 -5.32 16.35
N VAL B 323 9.10 -5.16 15.14
CA VAL B 323 9.33 -3.93 14.40
C VAL B 323 8.23 -2.93 14.81
N ASN B 324 8.62 -1.79 15.38
CA ASN B 324 7.65 -0.85 15.81
C ASN B 324 7.17 0.10 14.70
N LEU B 325 5.87 0.31 14.60
CA LEU B 325 5.31 1.15 13.52
C LEU B 325 4.39 2.21 14.10
N ILE B 326 4.34 3.34 13.41
CA ILE B 326 3.26 4.31 13.57
C ILE B 326 2.68 4.65 12.19
N ASP B 327 1.37 4.50 12.08
CA ASP B 327 0.59 4.98 10.96
C ASP B 327 0.10 6.37 11.24
N ILE B 328 0.72 7.36 10.59
CA ILE B 328 0.28 8.75 10.70
C ILE B 328 -0.72 9.14 9.59
N ASN B 329 -1.07 8.13 8.78
CA ASN B 329 -1.92 8.25 7.60
C ASN B 329 -1.15 8.83 6.42
N HIS B 330 -1.49 8.36 5.24
CA HIS B 330 -0.88 8.81 4.01
C HIS B 330 -1.15 10.30 3.87
N TYR B 331 -2.38 10.73 4.26
CA TYR B 331 -2.74 12.12 4.19
C TYR B 331 -1.76 13.09 4.89
N SER B 332 -0.97 12.62 5.86
CA SER B 332 0.02 13.46 6.46
C SER B 332 1.10 13.99 5.52
N GLU B 333 1.20 13.47 4.30
CA GLU B 333 1.97 14.19 3.27
C GLU B 333 1.48 15.62 2.97
N TYR B 334 0.30 16.00 3.49
CA TYR B 334 -0.21 17.37 3.25
C TYR B 334 0.72 18.45 3.76
N VAL B 335 1.67 18.10 4.62
CA VAL B 335 2.67 19.07 5.08
C VAL B 335 3.45 19.65 3.92
N MET B 336 3.48 19.00 2.76
CA MET B 336 4.30 19.57 1.68
C MET B 336 3.68 20.82 1.04
N LYS B 337 2.42 21.14 1.35
CA LYS B 337 1.82 22.32 0.71
C LYS B 337 2.52 23.56 1.28
N GLU B 338 2.48 23.73 2.59
CA GLU B 338 3.21 24.81 3.23
C GLU B 338 4.71 24.65 3.06
N GLY B 339 5.22 23.43 3.12
CA GLY B 339 6.65 23.24 2.97
C GLY B 339 7.14 23.66 1.59
N LEU B 340 6.42 23.28 0.56
CA LEU B 340 6.84 23.60 -0.79
C LEU B 340 6.62 25.09 -1.08
N LYS B 341 5.56 25.67 -0.49
CA LYS B 341 5.34 27.10 -0.58
C LYS B 341 6.55 27.85 -0.04
N THR B 342 7.03 27.43 1.14
CA THR B 342 8.19 28.08 1.74
C THR B 342 9.44 27.95 0.86
N LEU B 343 9.70 26.73 0.41
CA LEU B 343 10.81 26.51 -0.51
C LEU B 343 10.71 27.43 -1.73
N LEU B 344 9.56 27.40 -2.40
CA LEU B 344 9.42 28.14 -3.65
C LEU B 344 9.54 29.65 -3.46
N MET B 345 8.98 30.16 -2.38
N MET B 345 8.98 30.17 -2.38
CA MET B 345 9.13 31.57 -2.03
CA MET B 345 9.12 31.59 -2.06
C MET B 345 10.60 31.95 -1.88
C MET B 345 10.60 31.96 -1.88
N ASN B 346 11.36 31.07 -1.26
CA ASN B 346 12.80 31.26 -1.11
C ASN B 346 13.53 31.21 -2.44
N TRP B 347 13.23 30.20 -3.25
CA TRP B 347 13.87 30.10 -4.58
C TRP B 347 13.53 31.34 -5.43
N PHE B 348 12.29 31.81 -5.34
CA PHE B 348 11.89 32.99 -6.08
C PHE B 348 12.60 34.26 -5.56
N ASN B 349 12.80 34.36 -4.24
CA ASN B 349 13.51 35.48 -3.65
C ASN B 349 14.92 35.53 -4.25
N ILE B 350 15.63 34.43 -4.19
CA ILE B 350 16.95 34.34 -4.81
C ILE B 350 16.94 34.83 -6.25
N GLU B 351 15.94 34.49 -7.04
CA GLU B 351 15.98 34.84 -8.45
C GLU B 351 15.36 36.21 -8.70
N LYS B 352 14.93 36.87 -7.63
CA LYS B 352 14.16 38.11 -7.71
C LYS B 352 12.88 37.99 -8.55
N ILE B 353 12.03 37.02 -8.21
CA ILE B 353 10.77 36.78 -8.93
C ILE B 353 9.65 37.14 -7.97
N ASN B 354 8.68 37.91 -8.44
CA ASN B 354 7.67 38.51 -7.55
C ASN B 354 6.33 37.77 -7.47
N ILE B 355 6.30 36.62 -8.12
CA ILE B 355 5.09 35.84 -8.27
C ILE B 355 4.66 35.27 -6.93
N ASP B 356 3.38 35.40 -6.61
CA ASP B 356 2.80 34.89 -5.38
C ASP B 356 2.76 33.37 -5.37
N VAL B 357 2.99 32.79 -4.18
CA VAL B 357 2.85 31.39 -3.96
C VAL B 357 1.98 31.23 -2.72
N GLU B 358 0.99 30.36 -2.78
CA GLU B 358 0.14 30.09 -1.60
C GLU B 358 -0.04 28.60 -1.50
N ALA B 359 -0.07 28.10 -0.28
CA ALA B 359 -0.41 26.74 -0.01
C ALA B 359 -1.96 26.61 -0.01
N SER B 360 -2.53 25.71 -0.81
CA SER B 360 -3.98 25.43 -0.75
C SER B 360 -4.39 25.07 0.66
N THR B 361 -5.43 25.73 1.14
CA THR B 361 -5.98 25.55 2.47
C THR B 361 -7.01 24.43 2.51
N ILE B 362 -7.39 23.87 1.37
CA ILE B 362 -8.44 22.87 1.37
C ILE B 362 -7.96 21.53 1.97
N ASN B 363 -8.69 20.98 2.93
CA ASN B 363 -8.44 19.64 3.37
C ASN B 363 -9.03 18.67 2.35
N THR B 364 -8.18 17.92 1.65
CA THR B 364 -8.58 17.12 0.53
C THR B 364 -8.53 15.64 0.97
N ASP B 365 -8.47 15.35 2.27
CA ASP B 365 -8.41 13.98 2.74
C ASP B 365 -9.73 13.36 2.33
N PRO B 366 -9.71 12.24 1.59
CA PRO B 366 -10.97 11.54 1.30
C PRO B 366 -11.66 10.94 2.55
N PHE B 367 -10.89 10.66 3.59
CA PHE B 367 -11.39 10.11 4.79
C PHE B 367 -11.90 11.22 5.73
N GLN B 368 -13.06 10.95 6.33
CA GLN B 368 -13.51 11.60 7.56
C GLN B 368 -13.57 10.56 8.71
N TYR B 369 -12.96 10.93 9.84
CA TYR B 369 -12.80 10.08 11.00
C TYR B 369 -13.85 10.34 12.04
N ILE B 370 -14.33 9.27 12.66
CA ILE B 370 -15.26 9.36 13.75
C ILE B 370 -14.96 8.36 14.86
#